data_6Z8G
#
_entry.id   6Z8G
#
_cell.length_a   74.148
_cell.length_b   68.407
_cell.length_c   157.759
_cell.angle_alpha   90.000
_cell.angle_beta   92.170
_cell.angle_gamma   90.000
#
_symmetry.space_group_name_H-M   'C 1 2 1'
#
loop_
_entity.id
_entity.type
_entity.pdbx_description
1 polymer 'Variant surface glycoprotein MITat 1.13'
2 branched alpha-D-mannopyranose-(1-6)-beta-D-mannopyranose-(1-4)-2-acetamido-2-deoxy-beta-D-glucopyranose-(1-4)-2-acetamido-2-deoxy-beta-D-glucopyranose
3 non-polymer 'BROMIDE ION'
4 non-polymer 'SULFATE ION'
5 water water
#
_entity_poly.entity_id   1
_entity_poly.type   'polypeptide(L)'
_entity_poly.pdbx_seq_one_letter_code
;MQRLGTAVFFLLAFRYSTEQAVGLKEPNAPCTTACGCKSRLLKRLDLYTSKYADGINNERENSEAYSKLVTAALAAVPTM
QRKILPLLGAAADILDICRRELATARPLVQAAISKIEEAAGVYNTLHKLERGLGEAKIEFGGTDLRLTKTKFRATSLGTI
HTADCPNADPGETNVKIGLEHEENEPEPAKLITHGHLDATCASGVGQSSSCHTTAVEANTHLTLGLTFSGSSKDESATWN
AATNNKRAIHSNDADFLGSNATVAHEALKAIRSAGASTPCSSLITDFNAVRANPKFKLMVIKALLNKPTAEKESDAPADE
VNNAINSAYGREGSEYNTKTWKDIGSTRIPKADPPGEKTDTIDKLSSLPQWGDAIARLLLQEITKQEEQSIKTSSDEATN
KECDKHTAKTEGECTKLGCDYDAENKKCKPKSEKETTAAGKKDRAAGETGCAKHGTDKDKCENDKSCKWENNACKDSSIL
ATKKFALSMVSAAFVTLLF
;
_entity_poly.pdbx_strand_id   A,B
#
# COMPACT_ATOMS: atom_id res chain seq x y z
N ASN A 28 2.14 19.21 17.18
CA ASN A 28 2.76 19.08 18.51
C ASN A 28 1.76 18.80 19.64
N ALA A 29 0.70 19.60 19.77
CA ALA A 29 -0.38 19.27 20.71
C ALA A 29 -1.22 18.13 20.13
N PRO A 30 -1.73 17.22 20.97
CA PRO A 30 -2.49 16.08 20.43
C PRO A 30 -3.71 16.55 19.66
N CYS A 31 -4.07 15.78 18.62
CA CYS A 31 -5.33 16.01 17.92
C CYS A 31 -6.49 15.80 18.88
N THR A 32 -7.59 16.53 18.63
CA THR A 32 -8.74 16.51 19.52
C THR A 32 -10.08 16.25 18.84
N THR A 33 -10.13 16.03 17.53
CA THR A 33 -11.37 15.70 16.85
C THR A 33 -11.09 14.54 15.91
N ALA A 34 -12.14 13.78 15.57
CA ALA A 34 -11.96 12.66 14.67
C ALA A 34 -11.47 13.13 13.30
N CYS A 35 -12.03 14.24 12.81
CA CYS A 35 -11.60 14.76 11.52
C CYS A 35 -10.17 15.26 11.55
N GLY A 36 -9.75 15.83 12.69
CA GLY A 36 -8.38 16.30 12.81
C GLY A 36 -7.39 15.17 13.00
N CYS A 37 -7.75 14.16 13.81
CA CYS A 37 -6.85 13.04 14.01
C CYS A 37 -6.62 12.29 12.71
N LYS A 38 -7.69 12.02 11.96
CA LYS A 38 -7.55 11.36 10.67
C LYS A 38 -6.71 12.20 9.71
N SER A 39 -6.97 13.49 9.65
CA SER A 39 -6.21 14.36 8.76
C SER A 39 -4.74 14.33 9.11
N ARG A 40 -4.39 14.39 10.40
CA ARG A 40 -2.99 14.37 10.77
C ARG A 40 -2.36 13.02 10.48
N LEU A 41 -3.03 11.91 10.84
CA LEU A 41 -2.45 10.59 10.63
C LEU A 41 -2.17 10.37 9.14
N LEU A 42 -3.09 10.78 8.28
CA LEU A 42 -2.90 10.63 6.84
C LEU A 42 -1.81 11.57 6.32
N LYS A 43 -1.72 12.79 6.87
CA LYS A 43 -0.66 13.70 6.46
C LYS A 43 0.71 13.19 6.88
N ARG A 44 0.78 12.61 8.08
CA ARG A 44 2.04 12.01 8.52
C ARG A 44 2.43 10.83 7.62
N LEU A 45 1.47 9.96 7.30
CA LEU A 45 1.78 8.84 6.42
C LEU A 45 2.35 9.32 5.10
N ASP A 46 1.77 10.40 4.57
CA ASP A 46 2.20 10.95 3.29
C ASP A 46 3.66 11.36 3.33
N LEU A 47 4.17 11.76 4.51
CA LEU A 47 5.60 12.06 4.64
C LEU A 47 6.43 10.89 4.16
N TYR A 48 6.01 9.68 4.49
CA TYR A 48 6.76 8.48 4.15
C TYR A 48 6.44 7.96 2.75
N THR A 49 5.16 7.90 2.38
CA THR A 49 4.83 7.33 1.07
C THR A 49 5.32 8.21 -0.08
N SER A 50 5.34 9.53 0.10
CA SER A 50 5.82 10.40 -0.96
C SER A 50 7.31 10.21 -1.16
N LYS A 51 8.06 10.10 -0.06
CA LYS A 51 9.50 9.82 -0.16
C LYS A 51 9.75 8.45 -0.78
N TYR A 52 8.92 7.47 -0.45
CA TYR A 52 9.05 6.16 -1.08
C TYR A 52 8.79 6.26 -2.58
N ALA A 53 7.75 7.02 -2.97
CA ALA A 53 7.44 7.21 -4.38
C ALA A 53 8.58 7.92 -5.12
N ASP A 54 9.24 8.86 -4.44
CA ASP A 54 10.43 9.47 -5.02
C ASP A 54 11.50 8.42 -5.28
N GLY A 55 11.69 7.49 -4.33
CA GLY A 55 12.68 6.45 -4.52
C GLY A 55 12.37 5.57 -5.72
N ILE A 56 11.10 5.21 -5.88
CA ILE A 56 10.66 4.39 -7.03
C ILE A 56 10.99 5.09 -8.34
N ASN A 57 10.69 6.39 -8.42
CA ASN A 57 11.03 7.16 -9.60
C ASN A 57 12.53 7.22 -9.80
N ASN A 58 13.29 7.40 -8.71
CA ASN A 58 14.74 7.46 -8.81
C ASN A 58 15.32 6.12 -9.26
N GLU A 59 14.73 5.02 -8.80
CA GLU A 59 15.18 3.71 -9.24
C GLU A 59 14.92 3.54 -10.72
N ARG A 60 13.79 4.06 -11.21
CA ARG A 60 13.51 4.00 -12.65
C ARG A 60 14.55 4.79 -13.43
N GLU A 61 14.85 6.01 -12.99
CA GLU A 61 15.85 6.82 -13.69
C GLU A 61 17.23 6.21 -13.61
N ASN A 62 17.60 5.63 -12.47
CA ASN A 62 18.92 5.00 -12.36
C ASN A 62 19.01 3.76 -13.24
N SER A 63 17.94 2.97 -13.32
CA SER A 63 17.93 1.81 -14.19
C SER A 63 18.15 2.23 -15.64
N GLU A 64 17.45 3.28 -16.07
CA GLU A 64 17.61 3.77 -17.43
C GLU A 64 19.01 4.29 -17.68
N ALA A 65 19.53 5.07 -16.74
CA ALA A 65 20.87 5.62 -16.86
C ALA A 65 21.90 4.51 -17.02
N TYR A 66 21.81 3.49 -16.16
CA TYR A 66 22.79 2.42 -16.21
C TYR A 66 22.71 1.68 -17.54
N SER A 67 21.50 1.46 -18.05
CA SER A 67 21.37 0.82 -19.36
C SER A 67 21.96 1.67 -20.47
N LYS A 68 21.77 2.98 -20.39
CA LYS A 68 22.33 3.87 -21.38
C LYS A 68 23.86 3.83 -21.34
N LEU A 69 24.44 3.77 -20.13
CA LEU A 69 25.89 3.75 -20.01
C LEU A 69 26.47 2.51 -20.67
N VAL A 70 25.92 1.33 -20.34
CA VAL A 70 26.45 0.08 -20.91
C VAL A 70 26.35 0.10 -22.42
N THR A 71 25.20 0.48 -22.95
CA THR A 71 25.04 0.51 -24.39
C THR A 71 26.02 1.50 -25.04
N ALA A 72 26.11 2.72 -24.50
CA ALA A 72 27.04 3.69 -25.09
C ALA A 72 28.49 3.23 -24.96
N ALA A 73 28.83 2.62 -23.82
CA ALA A 73 30.19 2.14 -23.60
C ALA A 73 30.57 1.10 -24.64
N LEU A 74 29.61 0.31 -25.09
CA LEU A 74 29.90 -0.65 -26.16
C LEU A 74 30.01 0.01 -27.52
N ALA A 75 29.15 0.99 -27.78
CA ALA A 75 29.00 1.52 -29.13
C ALA A 75 29.90 2.72 -29.44
N ALA A 76 30.31 3.52 -28.46
CA ALA A 76 30.96 4.79 -28.73
C ALA A 76 32.41 4.60 -29.19
N VAL A 77 32.96 5.65 -29.80
CA VAL A 77 34.36 5.66 -30.22
C VAL A 77 35.28 5.72 -29.00
N PRO A 78 36.54 5.27 -29.11
CA PRO A 78 37.42 5.18 -27.93
C PRO A 78 37.56 6.48 -27.12
N THR A 79 37.66 7.65 -27.75
CA THR A 79 37.77 8.87 -26.97
C THR A 79 36.54 9.04 -26.07
N MET A 80 35.37 8.65 -26.58
CA MET A 80 34.14 8.73 -25.80
C MET A 80 34.03 7.59 -24.81
N GLN A 81 34.41 6.38 -25.24
CA GLN A 81 34.39 5.22 -24.36
C GLN A 81 35.21 5.47 -23.11
N ARG A 82 36.37 6.10 -23.27
CA ARG A 82 37.24 6.32 -22.12
C ARG A 82 36.56 7.21 -21.10
N LYS A 83 35.70 8.09 -21.51
CA LYS A 83 34.97 8.93 -20.58
C LYS A 83 33.78 8.19 -19.93
N ILE A 84 33.25 7.15 -20.59
CA ILE A 84 32.12 6.41 -20.01
C ILE A 84 32.60 5.40 -18.97
N LEU A 85 33.73 4.75 -19.21
CA LEU A 85 34.18 3.67 -18.33
C LEU A 85 34.27 4.03 -16.85
N PRO A 86 34.75 5.22 -16.44
CA PRO A 86 34.79 5.53 -15.00
C PRO A 86 33.41 5.64 -14.36
N LEU A 87 32.36 5.86 -15.15
CA LEU A 87 31.00 5.90 -14.66
C LEU A 87 30.42 4.53 -14.32
N LEU A 88 30.94 3.44 -14.93
CA LEU A 88 30.21 2.17 -14.92
C LEU A 88 30.17 1.51 -13.54
N GLY A 89 31.33 1.30 -12.91
CA GLY A 89 31.30 0.66 -11.60
C GLY A 89 30.59 1.51 -10.55
N ALA A 90 30.85 2.82 -10.57
CA ALA A 90 30.20 3.71 -9.61
C ALA A 90 28.69 3.74 -9.81
N ALA A 91 28.24 3.74 -11.08
CA ALA A 91 26.81 3.74 -11.35
C ALA A 91 26.17 2.41 -10.90
N ALA A 92 26.90 1.29 -11.05
CA ALA A 92 26.38 0.01 -10.56
C ALA A 92 26.23 0.03 -9.04
N ASP A 93 27.13 0.74 -8.37
CA ASP A 93 27.10 0.86 -6.92
C ASP A 93 25.86 1.64 -6.49
N ILE A 94 25.61 2.76 -7.17
CA ILE A 94 24.44 3.57 -6.86
C ILE A 94 23.15 2.79 -7.10
N LEU A 95 23.06 2.11 -8.25
CA LEU A 95 21.84 1.37 -8.59
C LEU A 95 21.60 0.24 -7.61
N ASP A 96 22.64 -0.52 -7.28
CA ASP A 96 22.46 -1.62 -6.35
C ASP A 96 21.96 -1.13 -5.00
N ILE A 97 22.61 -0.09 -4.45
CA ILE A 97 22.21 0.41 -3.15
C ILE A 97 20.79 0.95 -3.20
N CYS A 98 20.47 1.67 -4.27
CA CYS A 98 19.13 2.22 -4.45
C CYS A 98 18.05 1.13 -4.40
N ARG A 99 18.28 0.04 -5.11
CA ARG A 99 17.35 -1.08 -5.09
C ARG A 99 17.28 -1.73 -3.72
N ARG A 100 18.42 -1.90 -3.07
CA ARG A 100 18.42 -2.55 -1.76
C ARG A 100 17.70 -1.70 -0.71
N GLU A 101 17.86 -0.37 -0.80
CA GLU A 101 17.17 0.52 0.14
C GLU A 101 15.66 0.46 -0.06
N LEU A 102 15.20 0.46 -1.30
CA LEU A 102 13.79 0.32 -1.57
C LEU A 102 13.26 -1.03 -1.11
N ALA A 103 14.02 -2.10 -1.33
CA ALA A 103 13.58 -3.41 -0.89
C ALA A 103 13.47 -3.47 0.63
N THR A 104 14.33 -2.74 1.35
CA THR A 104 14.26 -2.71 2.80
C THR A 104 13.06 -1.89 3.29
N ALA A 105 12.81 -0.75 2.63
CA ALA A 105 11.72 0.13 3.03
C ALA A 105 10.36 -0.46 2.68
N ARG A 106 10.25 -1.25 1.60
CA ARG A 106 8.96 -1.69 1.06
C ARG A 106 8.06 -2.31 2.15
N PRO A 107 8.49 -3.36 2.88
CA PRO A 107 7.58 -3.95 3.88
C PRO A 107 7.24 -3.02 5.04
N LEU A 108 8.15 -2.11 5.41
CA LEU A 108 7.85 -1.18 6.49
C LEU A 108 6.81 -0.16 6.06
N VAL A 109 6.95 0.38 4.85
CA VAL A 109 5.94 1.30 4.35
C VAL A 109 4.61 0.59 4.17
N GLN A 110 4.63 -0.64 3.67
CA GLN A 110 3.37 -1.37 3.51
C GLN A 110 2.69 -1.58 4.85
N ALA A 111 3.45 -1.99 5.88
CA ALA A 111 2.89 -2.18 7.21
C ALA A 111 2.25 -0.89 7.74
N ALA A 112 2.94 0.22 7.58
CA ALA A 112 2.40 1.50 8.05
C ALA A 112 1.11 1.83 7.32
N ILE A 113 1.10 1.66 6.00
CA ILE A 113 -0.10 1.99 5.21
C ILE A 113 -1.30 1.24 5.75
N SER A 114 -1.16 -0.07 5.90
CA SER A 114 -2.27 -0.90 6.37
C SER A 114 -2.75 -0.45 7.74
N LYS A 115 -1.82 -0.17 8.66
CA LYS A 115 -2.22 0.17 10.02
C LYS A 115 -2.81 1.57 10.10
N ILE A 116 -2.25 2.51 9.37
CA ILE A 116 -2.79 3.86 9.40
C ILE A 116 -4.18 3.90 8.78
N GLU A 117 -4.37 3.18 7.66
CA GLU A 117 -5.66 3.25 6.99
C GLU A 117 -6.76 2.56 7.79
N GLU A 118 -6.44 1.48 8.52
CA GLU A 118 -7.42 0.89 9.42
C GLU A 118 -7.81 1.85 10.54
N ALA A 119 -6.83 2.56 11.11
CA ALA A 119 -7.13 3.56 12.11
C ALA A 119 -8.00 4.67 11.54
N ALA A 120 -7.69 5.12 10.32
CA ALA A 120 -8.54 6.11 9.65
C ALA A 120 -9.99 5.61 9.57
N GLY A 121 -10.16 4.31 9.28
CA GLY A 121 -11.50 3.78 9.18
C GLY A 121 -12.25 3.93 10.50
N VAL A 122 -11.57 3.68 11.61
CA VAL A 122 -12.21 3.87 12.92
C VAL A 122 -12.51 5.35 13.15
N TYR A 123 -11.61 6.23 12.74
CA TYR A 123 -11.88 7.65 12.91
C TYR A 123 -13.09 8.10 12.10
N ASN A 124 -13.35 7.43 10.99
CA ASN A 124 -14.51 7.74 10.16
C ASN A 124 -15.78 7.50 10.96
N THR A 125 -15.79 6.51 11.84
CA THR A 125 -16.92 6.23 12.71
C THR A 125 -16.96 7.15 13.95
N LEU A 126 -15.82 7.40 14.55
CA LEU A 126 -15.76 8.36 15.67
C LEU A 126 -16.31 9.73 15.26
N HIS A 127 -16.09 10.13 14.01
CA HIS A 127 -16.74 11.33 13.51
C HIS A 127 -18.26 11.16 13.48
N LYS A 128 -18.76 9.98 13.10
CA LYS A 128 -20.20 9.77 13.09
C LYS A 128 -20.79 9.86 14.51
N LEU A 129 -19.99 9.58 15.54
CA LEU A 129 -20.48 9.53 16.92
C LEU A 129 -20.14 10.79 17.72
N GLU A 130 -19.46 11.78 17.12
CA GLU A 130 -18.92 12.93 17.84
C GLU A 130 -20.02 13.86 18.38
N ARG A 131 -21.24 13.76 17.89
CA ARG A 131 -22.33 14.57 18.43
C ARG A 131 -23.28 13.72 19.25
N GLY A 132 -22.88 12.51 19.60
CA GLY A 132 -23.75 11.63 20.34
C GLY A 132 -24.70 10.85 19.45
N LEU A 133 -25.60 10.11 20.10
CA LEU A 133 -26.54 9.22 19.42
C LEU A 133 -28.00 9.54 19.72
N GLY A 134 -28.33 10.81 19.90
CA GLY A 134 -29.72 11.21 20.00
C GLY A 134 -30.37 10.90 21.35
N GLU A 135 -31.70 10.83 21.32
CA GLU A 135 -32.43 10.72 22.59
C GLU A 135 -33.85 10.26 22.33
N ALA A 136 -34.49 9.82 23.41
CA ALA A 136 -35.91 9.56 23.45
C ALA A 136 -36.51 10.51 24.47
N LYS A 137 -37.51 11.29 24.07
CA LYS A 137 -38.19 12.22 24.97
C LYS A 137 -39.66 11.85 25.05
N ILE A 138 -40.11 11.51 26.25
CA ILE A 138 -41.51 11.26 26.51
C ILE A 138 -42.13 12.54 27.04
N GLU A 139 -43.23 12.95 26.43
CA GLU A 139 -44.04 14.03 26.97
C GLU A 139 -45.38 13.41 27.22
N PHE A 140 -45.72 13.26 28.50
CA PHE A 140 -46.94 12.53 28.87
C PHE A 140 -48.22 13.26 28.51
N GLY A 141 -48.15 14.52 28.08
CA GLY A 141 -49.32 15.12 27.46
C GLY A 141 -50.13 16.06 28.34
N GLY A 142 -50.35 15.70 29.61
CA GLY A 142 -51.06 16.52 30.56
C GLY A 142 -52.31 15.87 31.12
N THR A 143 -52.90 14.93 30.38
CA THR A 143 -54.14 14.32 30.84
C THR A 143 -53.89 13.10 31.71
N ASP A 144 -53.12 12.13 31.21
CA ASP A 144 -52.83 10.95 32.02
C ASP A 144 -51.41 10.47 31.74
N LEU A 145 -51.04 9.37 32.41
CA LEU A 145 -49.75 8.76 32.27
C LEU A 145 -49.86 7.41 31.57
N ARG A 146 -50.83 7.29 30.68
CA ARG A 146 -50.82 6.19 29.73
C ARG A 146 -49.76 6.51 28.68
N LEU A 147 -49.36 5.49 27.92
CA LEU A 147 -48.23 5.68 27.01
C LEU A 147 -48.49 4.96 25.69
N THR A 148 -48.36 5.72 24.61
CA THR A 148 -48.21 5.16 23.26
C THR A 148 -47.08 5.90 22.57
N LYS A 149 -46.78 5.48 21.33
CA LYS A 149 -45.74 6.12 20.55
C LYS A 149 -45.98 7.62 20.41
N THR A 150 -47.25 8.06 20.43
CA THR A 150 -47.51 9.48 20.20
C THR A 150 -47.01 10.38 21.33
N LYS A 151 -46.70 9.83 22.49
CA LYS A 151 -46.10 10.61 23.57
C LYS A 151 -44.57 10.72 23.46
N PHE A 152 -43.96 9.95 22.55
CA PHE A 152 -42.54 10.12 22.25
C PHE A 152 -42.39 11.27 21.26
N ARG A 153 -42.17 12.49 21.77
CA ARG A 153 -42.02 13.58 20.83
C ARG A 153 -40.63 13.60 20.21
N ALA A 154 -39.60 13.43 21.03
CA ALA A 154 -38.27 13.24 20.49
C ALA A 154 -38.01 11.73 20.37
N THR A 155 -37.53 11.33 19.19
CA THR A 155 -37.08 9.97 18.94
C THR A 155 -35.83 9.98 18.06
N SER A 156 -34.88 10.88 18.36
CA SER A 156 -33.61 10.94 17.63
C SER A 156 -32.65 9.81 17.95
N LEU A 157 -32.97 8.95 18.92
CA LEU A 157 -32.03 7.93 19.37
C LEU A 157 -31.63 6.99 18.25
N GLY A 158 -30.32 6.88 18.02
CA GLY A 158 -29.79 6.06 16.96
C GLY A 158 -29.34 6.83 15.74
N THR A 159 -29.54 8.15 15.73
CA THR A 159 -29.12 9.01 14.62
C THR A 159 -27.62 9.33 14.75
N ILE A 160 -26.88 9.04 13.69
CA ILE A 160 -25.45 9.36 13.67
C ILE A 160 -25.20 10.66 12.97
N HIS A 161 -24.01 11.21 13.18
CA HIS A 161 -23.67 12.50 12.58
C HIS A 161 -23.20 12.28 11.14
N THR A 162 -23.87 12.93 10.18
CA THR A 162 -23.67 12.66 8.77
C THR A 162 -22.92 13.75 8.02
N ALA A 163 -22.67 14.92 8.62
CA ALA A 163 -22.02 15.97 7.87
C ALA A 163 -20.55 15.64 7.62
N ASP A 164 -20.02 16.17 6.50
CA ASP A 164 -18.60 16.10 6.22
C ASP A 164 -17.82 16.86 7.28
N CYS A 165 -16.50 16.71 7.23
CA CYS A 165 -15.64 17.44 8.15
C CYS A 165 -15.63 18.93 7.80
N PRO A 166 -15.45 19.81 8.79
CA PRO A 166 -15.38 21.24 8.50
C PRO A 166 -14.22 21.52 7.55
N ASN A 167 -14.45 22.45 6.62
CA ASN A 167 -13.46 22.71 5.58
C ASN A 167 -12.23 23.41 6.12
N ALA A 168 -12.29 23.96 7.33
CA ALA A 168 -11.15 24.63 7.95
C ALA A 168 -10.97 24.10 9.35
N ASP A 169 -9.73 23.77 9.70
CA ASP A 169 -9.39 23.30 11.04
C ASP A 169 -7.88 23.22 11.25
N GLU A 172 -5.93 22.68 13.86
CA GLU A 172 -4.71 22.20 13.20
C GLU A 172 -3.89 23.39 12.71
N LYS A 176 2.84 21.72 12.76
CA LYS A 176 4.06 21.36 12.06
C LYS A 176 4.16 19.86 11.86
N ILE A 177 4.09 19.42 10.60
CA ILE A 177 4.28 18.03 10.11
C ILE A 177 5.43 17.97 9.13
N GLY A 178 6.36 17.09 9.45
CA GLY A 178 7.60 16.92 8.71
C GLY A 178 8.41 15.83 9.38
N LEU A 179 9.27 15.19 8.58
CA LEU A 179 10.08 14.09 9.10
C LEU A 179 10.93 14.54 10.28
N GLU A 180 11.39 15.79 10.26
CA GLU A 180 12.13 16.34 11.38
C GLU A 180 11.29 16.39 12.65
N HIS A 181 9.97 16.56 12.51
CA HIS A 181 9.08 16.68 13.66
C HIS A 181 8.58 15.34 14.18
N GLU A 182 8.89 14.24 13.49
CA GLU A 182 8.26 12.97 13.79
C GLU A 182 8.67 12.41 15.15
N GLU A 183 9.89 12.71 15.61
CA GLU A 183 10.41 12.05 16.82
C GLU A 183 9.60 12.39 18.09
N ASN A 184 9.14 13.63 18.26
CA ASN A 184 8.28 14.03 19.38
C ASN A 184 6.80 14.17 19.07
N GLU A 185 6.35 13.79 17.88
CA GLU A 185 4.92 13.88 17.58
C GLU A 185 4.13 12.95 18.50
N PRO A 186 3.06 13.42 19.13
CA PRO A 186 2.29 12.57 20.05
C PRO A 186 1.40 11.57 19.32
N GLU A 187 1.03 10.53 20.07
CA GLU A 187 0.13 9.52 19.57
C GLU A 187 -1.19 10.15 19.11
N PRO A 188 -1.84 9.59 18.09
CA PRO A 188 -3.19 10.05 17.76
C PRO A 188 -4.08 9.82 18.95
N ALA A 189 -5.02 10.73 19.16
CA ALA A 189 -5.89 10.65 20.33
C ALA A 189 -6.99 9.62 20.12
N LYS A 190 -7.41 8.97 21.21
CA LYS A 190 -8.47 7.96 21.15
C LYS A 190 -9.86 8.58 21.03
N LEU A 191 -10.01 9.81 21.53
CA LEU A 191 -11.22 10.63 21.45
C LEU A 191 -12.38 10.13 22.32
N ILE A 192 -12.83 8.90 22.10
CA ILE A 192 -13.98 8.38 22.82
C ILE A 192 -13.54 7.14 23.60
N THR A 193 -13.73 7.20 24.92
CA THR A 193 -13.53 6.06 25.80
C THR A 193 -14.79 5.65 26.57
N HIS A 194 -15.78 6.53 26.68
CA HIS A 194 -16.98 6.24 27.46
C HIS A 194 -18.21 6.74 26.74
N GLY A 195 -19.29 5.98 26.89
CA GLY A 195 -20.62 6.46 26.58
C GLY A 195 -21.35 6.86 27.85
N HIS A 196 -22.22 7.87 27.74
CA HIS A 196 -22.88 8.48 28.88
C HIS A 196 -24.39 8.43 28.72
N LEU A 197 -25.08 7.97 29.78
CA LEU A 197 -26.54 8.05 29.89
C LEU A 197 -26.91 9.44 30.38
N ASP A 198 -27.39 10.28 29.47
CA ASP A 198 -27.90 11.58 29.86
C ASP A 198 -29.37 11.45 30.24
N ALA A 199 -29.77 12.20 31.27
CA ALA A 199 -31.15 12.15 31.77
C ALA A 199 -31.61 13.55 32.11
N THR A 200 -32.87 13.82 31.77
CA THR A 200 -33.56 15.03 32.18
C THR A 200 -34.94 14.60 32.67
N CYS A 201 -35.38 15.20 33.77
CA CYS A 201 -36.71 14.96 34.31
C CYS A 201 -37.25 16.28 34.87
N ALA A 202 -38.38 16.77 34.31
CA ALA A 202 -38.96 18.05 34.71
C ALA A 202 -40.47 17.92 34.83
N SER A 203 -40.98 17.94 36.07
CA SER A 203 -42.37 17.72 36.42
C SER A 203 -43.17 19.02 36.33
N GLY A 204 -44.50 18.87 36.42
CA GLY A 204 -45.42 19.98 36.52
C GLY A 204 -45.75 20.76 35.27
N SER A 209 -40.24 22.53 37.14
CA SER A 209 -39.97 21.87 38.41
C SER A 209 -39.20 20.57 38.24
N SER A 210 -38.41 20.20 39.25
CA SER A 210 -37.61 18.99 39.30
C SER A 210 -38.40 17.78 39.82
N CYS A 211 -37.98 16.59 39.38
CA CYS A 211 -38.60 15.33 39.80
C CYS A 211 -38.01 14.84 41.12
N THR A 214 -41.08 16.32 43.45
CA THR A 214 -42.29 16.32 42.63
C THR A 214 -42.32 15.14 41.65
N ALA A 215 -43.05 14.08 42.02
CA ALA A 215 -43.02 12.82 41.29
C ALA A 215 -43.50 13.01 39.84
N VAL A 216 -43.18 12.03 38.98
CA VAL A 216 -43.56 12.13 37.58
C VAL A 216 -45.08 12.07 37.45
N GLU A 217 -45.65 13.05 36.76
CA GLU A 217 -47.09 13.16 36.61
C GLU A 217 -47.38 13.49 35.15
N ALA A 218 -48.58 14.02 34.91
CA ALA A 218 -49.15 14.09 33.57
C ALA A 218 -48.47 15.11 32.68
N ASN A 219 -47.84 16.15 33.23
CA ASN A 219 -47.16 17.17 32.43
C ASN A 219 -45.65 16.97 32.40
N THR A 220 -45.17 15.82 32.87
CA THR A 220 -43.74 15.60 33.01
C THR A 220 -43.09 15.33 31.66
N HIS A 221 -41.91 15.93 31.46
CA HIS A 221 -41.02 15.62 30.36
C HIS A 221 -39.88 14.74 30.87
N LEU A 222 -39.73 13.58 30.26
CA LEU A 222 -38.68 12.61 30.55
C LEU A 222 -37.84 12.45 29.29
N THR A 223 -36.55 12.78 29.37
CA THR A 223 -35.65 12.73 28.21
C THR A 223 -34.43 11.89 28.57
N LEU A 224 -34.15 10.86 27.78
CA LEU A 224 -32.96 10.03 27.97
C LEU A 224 -32.14 10.01 26.70
N GLY A 225 -30.83 10.26 26.81
CA GLY A 225 -29.96 10.32 25.66
C GLY A 225 -28.66 9.56 25.86
N LEU A 226 -27.91 9.41 24.76
CA LEU A 226 -26.61 8.74 24.77
C LEU A 226 -25.60 9.65 24.09
N THR A 227 -24.55 10.03 24.83
CA THR A 227 -23.41 10.77 24.30
C THR A 227 -22.13 10.02 24.63
N PHE A 228 -21.01 10.56 24.15
CA PHE A 228 -19.71 9.95 24.32
C PHE A 228 -18.69 11.02 24.68
N SER A 229 -17.63 10.62 25.35
CA SER A 229 -16.50 11.50 25.60
C SER A 229 -15.29 10.64 25.95
N GLY A 230 -14.18 11.31 26.26
CA GLY A 230 -12.95 10.63 26.64
C GLY A 230 -12.70 10.48 28.13
N SER A 231 -13.68 10.79 28.99
CA SER A 231 -13.55 10.66 30.43
C SER A 231 -14.87 10.16 31.00
N SER A 232 -14.77 9.40 32.09
CA SER A 232 -15.98 8.91 32.73
C SER A 232 -16.72 10.04 33.43
N LYS A 233 -18.05 9.91 33.48
CA LYS A 233 -18.90 10.95 34.06
C LYS A 233 -19.92 10.33 35.00
N ASP A 234 -20.13 10.96 36.15
CA ASP A 234 -21.24 10.62 37.03
C ASP A 234 -21.67 11.89 37.74
N GLU A 235 -22.69 12.54 37.20
CA GLU A 235 -23.22 13.80 37.72
C GLU A 235 -24.45 13.58 38.58
N SER A 236 -24.58 12.37 39.15
CA SER A 236 -25.75 12.01 39.93
C SER A 236 -26.01 12.96 41.11
N ALA A 237 -24.94 13.46 41.75
CA ALA A 237 -25.10 14.26 42.96
C ALA A 237 -25.90 15.54 42.69
N THR A 238 -25.50 16.29 41.66
CA THR A 238 -26.24 17.52 41.36
C THR A 238 -27.58 17.23 40.71
N TRP A 239 -27.66 16.15 39.94
CA TRP A 239 -28.87 15.87 39.18
C TRP A 239 -30.03 15.44 40.09
N ASN A 240 -29.73 14.66 41.14
CA ASN A 240 -30.77 14.17 42.06
C ASN A 240 -31.43 15.28 42.87
N ALA A 241 -30.84 16.47 42.94
CA ALA A 241 -31.48 17.58 43.59
C ALA A 241 -32.11 18.52 42.58
N ALA A 242 -31.92 18.25 41.29
CA ALA A 242 -32.47 19.10 40.22
C ALA A 242 -32.39 18.34 38.90
N THR A 243 -33.28 17.37 38.72
CA THR A 243 -33.28 16.51 37.53
C THR A 243 -33.69 17.26 36.28
N ASN A 244 -34.26 18.46 36.40
CA ASN A 244 -34.69 19.21 35.21
C ASN A 244 -33.51 19.83 34.47
N ASN A 245 -32.29 19.40 34.79
CA ASN A 245 -31.12 19.74 33.99
C ASN A 245 -30.54 18.45 33.40
N LYS A 246 -30.22 18.48 32.12
CA LYS A 246 -29.63 17.31 31.47
C LYS A 246 -28.25 17.04 32.08
N ARG A 247 -28.06 15.86 32.63
CA ARG A 247 -26.79 15.49 33.23
C ARG A 247 -26.47 14.04 32.88
N ALA A 248 -25.18 13.76 32.74
CA ALA A 248 -24.72 12.40 32.50
C ALA A 248 -24.75 11.65 33.82
N ILE A 249 -25.73 10.76 34.01
CA ILE A 249 -25.93 10.11 35.31
C ILE A 249 -25.30 8.73 35.40
N HIS A 250 -24.71 8.21 34.32
CA HIS A 250 -23.98 6.95 34.36
C HIS A 250 -23.09 6.88 33.12
N SER A 251 -21.93 6.22 33.26
CA SER A 251 -21.02 6.05 32.13
C SER A 251 -20.74 4.57 31.94
N ASN A 252 -20.46 4.18 30.69
CA ASN A 252 -20.10 2.82 30.35
C ASN A 252 -18.90 2.82 29.41
N ASP A 253 -18.16 1.72 29.40
CA ASP A 253 -16.95 1.64 28.61
C ASP A 253 -17.27 1.56 27.11
N ALA A 254 -16.64 2.43 26.30
CA ALA A 254 -16.83 2.46 24.85
C ALA A 254 -15.49 2.79 24.18
N ASP A 255 -14.53 1.87 24.30
CA ASP A 255 -13.19 2.09 23.73
C ASP A 255 -13.18 1.61 22.28
N PHE A 256 -13.47 2.52 21.36
CA PHE A 256 -13.61 2.14 19.95
C PHE A 256 -12.26 1.87 19.29
N LEU A 257 -11.28 2.76 19.53
CA LEU A 257 -9.99 2.64 18.81
C LEU A 257 -9.14 1.49 19.34
N GLY A 258 -9.26 1.13 20.61
CA GLY A 258 -8.34 0.19 21.20
C GLY A 258 -6.93 0.69 21.01
N SER A 259 -6.03 -0.20 20.59
CA SER A 259 -4.65 0.18 20.29
C SER A 259 -4.41 0.53 18.82
N ASN A 260 -5.46 0.64 18.00
CA ASN A 260 -5.28 0.81 16.56
C ASN A 260 -4.39 2.02 16.25
N ALA A 261 -4.60 3.13 16.97
CA ALA A 261 -3.84 4.34 16.70
C ALA A 261 -2.42 4.22 17.22
N THR A 262 -2.25 3.46 18.30
CA THR A 262 -0.91 3.22 18.84
C THR A 262 -0.06 2.39 17.90
N VAL A 263 -0.62 1.31 17.33
CA VAL A 263 0.19 0.50 16.42
C VAL A 263 0.44 1.22 15.12
N ALA A 264 -0.49 2.06 14.67
CA ALA A 264 -0.22 2.86 13.47
C ALA A 264 0.92 3.84 13.75
N HIS A 265 0.83 4.56 14.86
CA HIS A 265 1.92 5.44 15.30
C HIS A 265 3.25 4.69 15.36
N GLU A 266 3.26 3.51 15.99
CA GLU A 266 4.48 2.70 16.10
C GLU A 266 4.98 2.24 14.74
N ALA A 267 4.08 2.00 13.78
CA ALA A 267 4.51 1.59 12.45
C ALA A 267 5.26 2.71 11.74
N LEU A 268 4.87 3.96 11.97
CA LEU A 268 5.64 5.06 11.42
C LEU A 268 7.02 5.12 12.04
N LYS A 269 7.14 4.90 13.36
CA LYS A 269 8.47 4.91 13.98
C LYS A 269 9.35 3.78 13.44
N ALA A 270 8.75 2.62 13.14
CA ALA A 270 9.54 1.49 12.63
C ALA A 270 10.26 1.85 11.33
N ILE A 271 9.66 2.69 10.50
CA ILE A 271 10.35 3.16 9.30
C ILE A 271 11.57 3.99 9.68
N ARG A 272 11.38 4.94 10.61
CA ARG A 272 12.49 5.80 11.04
C ARG A 272 13.57 5.01 11.73
N SER A 273 13.20 4.06 12.58
CA SER A 273 14.19 3.28 13.31
C SER A 273 15.09 2.51 12.35
N ALA A 274 14.51 1.95 11.29
CA ALA A 274 15.26 1.24 10.25
C ALA A 274 16.00 2.19 9.31
N GLY A 275 15.86 3.50 9.48
CA GLY A 275 16.49 4.44 8.57
C GLY A 275 16.01 4.31 7.14
N ALA A 276 14.73 4.00 6.95
CA ALA A 276 14.18 3.68 5.63
C ALA A 276 13.23 4.78 5.11
N SER A 277 13.32 6.00 5.65
CA SER A 277 12.36 7.03 5.28
C SER A 277 12.60 7.63 3.91
N THR A 278 13.85 7.65 3.43
CA THR A 278 14.16 8.27 2.14
C THR A 278 15.05 7.33 1.32
N PRO A 279 14.50 6.19 0.89
CA PRO A 279 15.28 5.26 0.08
C PRO A 279 15.53 5.77 -1.33
N CYS A 280 16.67 5.33 -1.89
CA CYS A 280 17.09 5.60 -3.26
C CYS A 280 17.04 7.09 -3.61
N SER A 281 17.66 7.90 -2.75
CA SER A 281 17.71 9.33 -3.04
C SER A 281 18.89 9.73 -3.95
N SER A 282 19.86 8.84 -4.17
CA SER A 282 21.02 9.21 -5.00
C SER A 282 20.77 8.84 -6.46
N LEU A 283 21.26 9.69 -7.35
CA LEU A 283 21.07 9.56 -8.79
C LEU A 283 22.39 9.39 -9.54
N ILE A 284 22.40 8.49 -10.51
CA ILE A 284 23.60 8.32 -11.34
C ILE A 284 23.91 9.59 -12.11
N THR A 285 22.90 10.41 -12.43
CA THR A 285 23.09 11.64 -13.19
C THR A 285 23.58 12.80 -12.32
N ASP A 286 23.82 12.56 -11.04
CA ASP A 286 24.37 13.55 -10.12
C ASP A 286 25.87 13.29 -10.02
N PHE A 287 26.68 14.21 -10.56
CA PHE A 287 28.12 13.99 -10.50
C PHE A 287 28.62 13.83 -9.06
N ASN A 288 27.94 14.45 -8.09
CA ASN A 288 28.38 14.36 -6.70
C ASN A 288 28.35 12.93 -6.20
N ALA A 289 27.35 12.15 -6.63
CA ALA A 289 27.28 10.75 -6.23
C ALA A 289 28.37 9.92 -6.89
N VAL A 290 28.63 10.16 -8.16
CA VAL A 290 29.66 9.40 -8.88
C VAL A 290 31.06 9.78 -8.38
N ARG A 291 31.34 11.09 -8.30
CA ARG A 291 32.67 11.61 -7.97
C ARG A 291 33.19 11.03 -6.66
N ALA A 292 32.30 10.76 -5.71
CA ALA A 292 32.73 10.27 -4.40
C ALA A 292 33.10 8.79 -4.39
N ASN A 293 32.83 8.03 -5.46
CA ASN A 293 33.14 6.61 -5.41
C ASN A 293 34.61 6.36 -5.73
N PRO A 294 35.34 5.61 -4.90
CA PRO A 294 36.73 5.31 -5.21
C PRO A 294 36.92 4.62 -6.53
N LYS A 295 35.92 3.85 -6.99
CA LYS A 295 36.09 3.14 -8.25
C LYS A 295 36.12 4.14 -9.40
N PHE A 296 35.47 5.29 -9.22
CA PHE A 296 35.47 6.31 -10.26
C PHE A 296 36.87 6.88 -10.45
N LYS A 297 37.50 7.33 -9.35
CA LYS A 297 38.83 7.91 -9.45
C LYS A 297 39.80 6.90 -10.06
N LEU A 298 39.75 5.65 -9.58
CA LEU A 298 40.67 4.62 -10.09
C LEU A 298 40.50 4.40 -11.58
N MET A 299 39.24 4.36 -12.07
CA MET A 299 39.05 4.14 -13.50
C MET A 299 39.39 5.38 -14.32
N VAL A 300 39.29 6.59 -13.74
CA VAL A 300 39.88 7.73 -14.43
C VAL A 300 41.37 7.48 -14.69
N ILE A 301 42.08 6.96 -13.69
CA ILE A 301 43.50 6.67 -13.89
C ILE A 301 43.70 5.62 -14.96
N LYS A 302 42.92 4.53 -14.89
CA LYS A 302 43.11 3.43 -15.83
C LYS A 302 42.77 3.84 -17.24
N ALA A 303 41.66 4.55 -17.42
CA ALA A 303 41.15 4.80 -18.75
C ALA A 303 41.54 6.15 -19.32
N LEU A 304 41.74 7.16 -18.48
CA LEU A 304 42.00 8.51 -18.98
C LEU A 304 43.43 8.98 -18.77
N LEU A 305 44.20 8.33 -17.91
CA LEU A 305 45.60 8.66 -17.73
C LEU A 305 46.51 7.54 -18.24
N ASN A 306 45.97 6.65 -19.07
CA ASN A 306 46.76 5.65 -19.80
C ASN A 306 47.58 4.77 -18.86
N LYS A 307 47.01 4.42 -17.71
CA LYS A 307 47.67 3.56 -16.72
C LYS A 307 46.73 2.42 -16.37
N PRO A 308 46.46 1.52 -17.33
CA PRO A 308 45.38 0.55 -17.14
C PRO A 308 45.66 -0.47 -16.07
N THR A 309 46.90 -0.68 -15.65
CA THR A 309 47.13 -1.67 -14.61
C THR A 309 47.00 -1.08 -13.20
N ALA A 310 46.73 0.21 -13.07
CA ALA A 310 46.57 0.81 -11.75
C ALA A 310 45.44 0.14 -10.97
N GLU A 311 45.65 -0.04 -9.65
CA GLU A 311 44.62 -0.56 -8.76
C GLU A 311 44.48 0.24 -7.46
N LYS A 312 45.28 1.29 -7.28
CA LYS A 312 45.19 2.14 -6.09
C LYS A 312 45.03 3.59 -6.52
N GLU A 313 44.40 4.34 -5.64
CA GLU A 313 44.04 5.71 -5.95
C GLU A 313 45.31 6.54 -6.12
N SER A 314 46.36 6.17 -5.39
CA SER A 314 47.65 6.85 -5.41
C SER A 314 48.48 6.57 -6.66
N ASP A 315 48.04 5.67 -7.54
CA ASP A 315 48.88 5.33 -8.68
C ASP A 315 49.02 6.47 -9.68
N ALA A 316 48.41 7.62 -9.45
CA ALA A 316 48.60 8.81 -10.26
C ALA A 316 48.55 10.01 -9.33
N PRO A 317 49.25 11.10 -9.68
CA PRO A 317 49.17 12.32 -8.86
C PRO A 317 47.78 12.90 -8.92
N ALA A 318 47.30 13.38 -7.75
CA ALA A 318 45.95 13.93 -7.65
C ALA A 318 45.69 15.03 -8.67
N ASP A 319 46.71 15.84 -8.98
CA ASP A 319 46.50 16.88 -9.98
C ASP A 319 46.22 16.30 -11.35
N GLU A 320 46.83 15.16 -11.68
CA GLU A 320 46.59 14.58 -12.99
C GLU A 320 45.20 13.94 -13.05
N VAL A 321 44.77 13.31 -11.95
CA VAL A 321 43.39 12.84 -11.84
C VAL A 321 42.42 13.99 -12.05
N ASN A 322 42.64 15.10 -11.32
CA ASN A 322 41.74 16.25 -11.42
C ASN A 322 41.77 16.86 -12.81
N ASN A 323 42.95 16.98 -13.42
CA ASN A 323 43.01 17.53 -14.76
C ASN A 323 42.28 16.61 -15.74
N ALA A 324 42.41 15.29 -15.57
CA ALA A 324 41.68 14.35 -16.42
C ALA A 324 40.17 14.47 -16.19
N ILE A 325 39.74 14.64 -14.93
CA ILE A 325 38.32 14.80 -14.65
C ILE A 325 37.79 16.06 -15.35
N ASN A 326 38.54 17.15 -15.21
CA ASN A 326 38.16 18.42 -15.83
C ASN A 326 38.00 18.31 -17.34
N SER A 327 38.93 17.62 -17.99
CA SER A 327 38.88 17.45 -19.44
C SER A 327 37.68 16.61 -19.85
N ALA A 328 37.36 15.58 -19.07
CA ALA A 328 36.34 14.63 -19.49
C ALA A 328 34.93 15.14 -19.22
N TYR A 329 34.73 15.79 -18.07
CA TYR A 329 33.38 16.10 -17.57
C TYR A 329 33.16 17.60 -17.35
N GLY A 330 34.00 18.46 -17.91
CA GLY A 330 34.02 19.85 -17.52
C GLY A 330 34.68 20.03 -16.17
N ARG A 331 35.13 21.25 -15.89
CA ARG A 331 35.83 21.54 -14.64
C ARG A 331 35.00 21.11 -13.44
N GLU A 332 35.58 20.23 -12.63
CA GLU A 332 34.92 19.63 -11.46
C GLU A 332 33.59 18.99 -11.83
N GLY A 333 33.51 18.43 -13.03
CA GLY A 333 32.29 17.77 -13.43
C GLY A 333 31.14 18.71 -13.72
N SER A 334 31.43 19.99 -13.94
CA SER A 334 30.38 20.96 -14.18
C SER A 334 29.64 20.75 -15.51
N GLU A 335 30.18 19.96 -16.44
CA GLU A 335 29.50 19.70 -17.71
C GLU A 335 28.98 18.26 -17.80
N TYR A 336 28.88 17.56 -16.66
CA TYR A 336 28.42 16.18 -16.64
C TYR A 336 27.04 16.05 -17.30
N ASN A 337 26.12 16.94 -16.98
CA ASN A 337 24.78 16.83 -17.54
C ASN A 337 24.63 17.63 -18.83
N THR A 338 25.25 18.81 -18.90
CA THR A 338 25.09 19.64 -20.08
C THR A 338 25.85 19.08 -21.27
N LYS A 339 26.95 18.35 -21.06
CA LYS A 339 27.62 17.77 -22.21
C LYS A 339 27.78 16.26 -22.11
N THR A 340 28.27 15.72 -21.00
CA THR A 340 28.61 14.29 -20.97
C THR A 340 27.39 13.42 -21.25
N TRP A 341 26.30 13.65 -20.51
CA TRP A 341 25.11 12.81 -20.70
C TRP A 341 24.44 13.09 -22.02
N LYS A 342 24.63 14.31 -22.56
CA LYS A 342 24.13 14.60 -23.89
C LYS A 342 24.87 13.81 -24.95
N ASP A 343 26.21 13.74 -24.84
CA ASP A 343 27.00 12.96 -25.79
C ASP A 343 26.72 11.47 -25.65
N ILE A 344 26.52 11.00 -24.41
CA ILE A 344 26.14 9.62 -24.20
C ILE A 344 24.86 9.31 -24.96
N GLY A 345 23.86 10.19 -24.83
CA GLY A 345 22.57 9.98 -25.47
C GLY A 345 22.60 10.07 -27.00
N SER A 346 23.60 10.72 -27.56
CA SER A 346 23.73 10.87 -29.01
C SER A 346 24.58 9.77 -29.64
N THR A 347 25.07 8.82 -28.86
CA THR A 347 25.80 7.69 -29.41
C THR A 347 24.90 6.92 -30.35
N ARG A 348 25.40 6.63 -31.55
CA ARG A 348 24.64 5.93 -32.58
C ARG A 348 24.77 4.42 -32.40
N ILE A 349 23.64 3.73 -32.45
CA ILE A 349 23.61 2.29 -32.15
C ILE A 349 22.80 1.58 -33.23
N PRO A 350 23.01 0.26 -33.39
CA PRO A 350 22.22 -0.51 -34.35
C PRO A 350 20.73 -0.50 -34.03
N LYS A 351 19.91 -0.53 -35.09
CA LYS A 351 18.46 -0.47 -35.03
C LYS A 351 17.88 -1.52 -35.99
N ALA A 352 16.97 -2.35 -35.49
CA ALA A 352 16.36 -3.38 -36.32
C ALA A 352 15.47 -2.76 -37.40
N ASP A 353 15.49 -3.37 -38.58
CA ASP A 353 14.60 -2.92 -39.66
C ASP A 353 14.44 -4.05 -40.67
N PRO A 354 13.23 -4.28 -41.18
CA PRO A 354 13.01 -5.41 -42.09
C PRO A 354 13.85 -5.32 -43.36
N PRO A 355 14.09 -4.13 -43.94
CA PRO A 355 14.96 -4.07 -45.13
C PRO A 355 16.45 -4.06 -44.82
N GLY A 356 16.86 -4.25 -43.57
CA GLY A 356 18.26 -4.30 -43.24
C GLY A 356 18.51 -3.39 -42.03
N GLU A 357 19.50 -3.77 -41.23
CA GLU A 357 19.77 -3.02 -40.01
C GLU A 357 20.10 -1.56 -40.34
N LYS A 358 19.47 -0.63 -39.59
CA LYS A 358 19.69 0.81 -39.64
C LYS A 358 20.37 1.26 -38.35
N THR A 359 20.58 2.57 -38.20
CA THR A 359 21.15 3.10 -36.96
C THR A 359 20.44 4.37 -36.52
N ASP A 360 20.52 4.64 -35.21
CA ASP A 360 20.02 5.88 -34.63
C ASP A 360 20.66 6.05 -33.25
N THR A 361 20.24 7.09 -32.55
CA THR A 361 20.87 7.41 -31.27
C THR A 361 20.20 6.69 -30.10
N ILE A 362 20.96 6.57 -29.02
CA ILE A 362 20.42 6.00 -27.79
C ILE A 362 19.17 6.75 -27.36
N ASP A 363 19.20 8.08 -27.44
CA ASP A 363 18.09 8.88 -26.96
C ASP A 363 16.89 8.78 -27.87
N LYS A 364 17.10 8.52 -29.15
CA LYS A 364 15.94 8.34 -30.04
C LYS A 364 15.31 6.95 -29.87
N LEU A 365 16.10 5.95 -29.58
CA LEU A 365 15.64 4.57 -29.36
C LEU A 365 15.70 4.37 -27.85
N SER A 366 14.86 5.09 -27.13
CA SER A 366 14.98 5.22 -25.68
C SER A 366 14.13 4.19 -24.95
N SER A 367 14.44 2.91 -25.15
CA SER A 367 13.72 1.84 -24.45
C SER A 367 14.70 0.69 -24.23
N LEU A 368 14.56 0.03 -23.09
CA LEU A 368 15.38 -1.14 -22.78
C LEU A 368 15.37 -2.20 -23.88
N PRO A 369 14.24 -2.54 -24.51
CA PRO A 369 14.32 -3.57 -25.56
C PRO A 369 15.19 -3.16 -26.73
N GLN A 370 15.18 -1.87 -27.10
CA GLN A 370 16.03 -1.41 -28.18
C GLN A 370 17.50 -1.35 -27.77
N TRP A 371 17.77 -0.99 -26.52
CA TRP A 371 19.14 -0.98 -26.02
C TRP A 371 19.71 -2.37 -25.92
N GLY A 372 18.93 -3.33 -25.41
CA GLY A 372 19.42 -4.70 -25.36
C GLY A 372 19.65 -5.28 -26.74
N ASP A 373 18.72 -5.01 -27.66
CA ASP A 373 18.89 -5.42 -29.06
C ASP A 373 20.16 -4.82 -29.66
N ALA A 374 20.43 -3.55 -29.39
CA ALA A 374 21.67 -2.94 -29.89
C ALA A 374 22.90 -3.63 -29.33
N ILE A 375 22.89 -3.94 -28.02
CA ILE A 375 24.03 -4.59 -27.38
C ILE A 375 24.29 -5.94 -28.04
N ALA A 376 23.23 -6.72 -28.25
CA ALA A 376 23.40 -8.01 -28.92
C ALA A 376 23.98 -7.82 -30.32
N ARG A 377 23.44 -6.85 -31.06
CA ARG A 377 23.89 -6.59 -32.42
C ARG A 377 25.33 -6.08 -32.45
N LEU A 378 25.70 -5.25 -31.46
CA LEU A 378 27.06 -4.74 -31.39
C LEU A 378 28.04 -5.87 -31.13
N LEU A 379 27.69 -6.77 -30.22
CA LEU A 379 28.59 -7.88 -29.93
C LEU A 379 28.67 -8.84 -31.10
N LEU A 380 27.56 -9.04 -31.83
CA LEU A 380 27.60 -9.91 -33.00
C LEU A 380 28.55 -9.36 -34.05
N GLN A 381 28.48 -8.05 -34.30
CA GLN A 381 29.39 -7.47 -35.28
C GLN A 381 30.84 -7.71 -34.90
N GLU A 382 31.16 -7.63 -33.60
CA GLU A 382 32.54 -7.94 -33.19
C GLU A 382 32.89 -9.39 -33.47
N ILE A 383 31.99 -10.32 -33.13
CA ILE A 383 32.23 -11.72 -33.47
C ILE A 383 32.40 -11.87 -34.98
N THR A 384 31.47 -11.32 -35.75
CA THR A 384 31.53 -11.37 -37.20
C THR A 384 32.78 -10.63 -37.69
N ASN B 28 -21.26 -17.35 -3.84
CA ASN B 28 -21.04 -16.90 -2.46
C ASN B 28 -22.15 -15.99 -1.95
N ALA B 29 -22.79 -16.40 -0.85
CA ALA B 29 -23.77 -15.53 -0.22
C ALA B 29 -23.07 -14.33 0.43
N PRO B 30 -23.72 -13.16 0.47
CA PRO B 30 -23.07 -11.98 1.04
C PRO B 30 -22.63 -12.25 2.47
N CYS B 31 -21.58 -11.56 2.90
CA CYS B 31 -21.21 -11.65 4.32
C CYS B 31 -22.34 -11.09 5.20
N THR B 32 -22.41 -11.60 6.45
CA THR B 32 -23.46 -11.26 7.37
C THR B 32 -23.00 -10.84 8.76
N THR B 33 -21.70 -10.80 9.05
CA THR B 33 -21.21 -10.35 10.34
C THR B 33 -20.04 -9.41 10.11
N ALA B 34 -19.77 -8.54 11.08
CA ALA B 34 -18.65 -7.63 10.93
C ALA B 34 -17.32 -8.39 10.84
N CYS B 35 -17.15 -9.43 11.67
CA CYS B 35 -15.92 -10.19 11.64
C CYS B 35 -15.76 -10.95 10.34
N GLY B 36 -16.88 -11.39 9.75
CA GLY B 36 -16.83 -12.10 8.49
C GLY B 36 -16.58 -11.20 7.30
N CYS B 37 -17.21 -10.01 7.30
CA CYS B 37 -17.01 -9.07 6.21
C CYS B 37 -15.58 -8.57 6.17
N LYS B 38 -15.03 -8.21 7.34
CA LYS B 38 -13.64 -7.78 7.40
C LYS B 38 -12.70 -8.90 6.96
N SER B 39 -12.96 -10.12 7.43
CA SER B 39 -12.12 -11.25 7.08
C SER B 39 -12.16 -11.52 5.59
N ARG B 40 -13.36 -11.54 5.00
CA ARG B 40 -13.47 -11.84 3.58
C ARG B 40 -12.80 -10.77 2.74
N LEU B 41 -13.01 -9.51 3.10
CA LEU B 41 -12.40 -8.41 2.35
C LEU B 41 -10.89 -8.51 2.36
N LEU B 42 -10.31 -8.83 3.51
CA LEU B 42 -8.85 -8.94 3.60
C LEU B 42 -8.36 -10.17 2.84
N LYS B 43 -9.11 -11.27 2.88
CA LYS B 43 -8.72 -12.46 2.14
C LYS B 43 -8.75 -12.21 0.65
N ARG B 44 -9.76 -11.48 0.17
CA ARG B 44 -9.82 -11.11 -1.24
C ARG B 44 -8.66 -10.20 -1.62
N LEU B 45 -8.39 -9.20 -0.78
CA LEU B 45 -7.27 -8.31 -1.05
C LEU B 45 -5.96 -9.08 -1.18
N ASP B 46 -5.75 -10.08 -0.32
CA ASP B 46 -4.54 -10.89 -0.35
C ASP B 46 -4.37 -11.62 -1.69
N LEU B 47 -5.48 -11.93 -2.38
CA LEU B 47 -5.33 -12.54 -3.70
C LEU B 47 -4.48 -11.67 -4.61
N TYR B 48 -4.68 -10.35 -4.55
CA TYR B 48 -4.03 -9.38 -5.42
C TYR B 48 -2.67 -8.98 -4.89
N THR B 49 -2.54 -8.71 -3.60
CA THR B 49 -1.24 -8.31 -3.11
C THR B 49 -0.25 -9.46 -3.20
N SER B 50 -0.69 -10.70 -3.05
CA SER B 50 0.28 -11.80 -3.15
C SER B 50 0.80 -11.93 -4.58
N LYS B 51 -0.10 -11.82 -5.57
CA LYS B 51 0.34 -11.85 -6.96
C LYS B 51 1.24 -10.67 -7.28
N TYR B 52 0.95 -9.51 -6.70
CA TYR B 52 1.82 -8.35 -6.89
C TYR B 52 3.20 -8.62 -6.31
N ALA B 53 3.25 -9.20 -5.11
CA ALA B 53 4.53 -9.54 -4.49
C ALA B 53 5.31 -10.53 -5.34
N ASP B 54 4.63 -11.51 -5.95
CA ASP B 54 5.30 -12.43 -6.86
C ASP B 54 5.95 -11.68 -8.02
N GLY B 55 5.23 -10.71 -8.59
CA GLY B 55 5.80 -9.94 -9.68
C GLY B 55 7.01 -9.14 -9.24
N ILE B 56 6.96 -8.58 -8.02
CA ILE B 56 8.13 -7.86 -7.51
C ILE B 56 9.33 -8.81 -7.38
N ASN B 57 9.09 -10.03 -6.86
CA ASN B 57 10.19 -10.99 -6.74
C ASN B 57 10.71 -11.39 -8.10
N ASN B 58 9.82 -11.63 -9.06
CA ASN B 58 10.25 -11.98 -10.40
C ASN B 58 11.03 -10.85 -11.06
N GLU B 59 10.66 -9.60 -10.78
CA GLU B 59 11.40 -8.48 -11.36
C GLU B 59 12.81 -8.41 -10.81
N ARG B 60 12.98 -8.72 -9.52
CA ARG B 60 14.33 -8.79 -8.97
C ARG B 60 15.13 -9.89 -9.66
N GLU B 61 14.55 -11.08 -9.81
CA GLU B 61 15.24 -12.17 -10.47
C GLU B 61 15.51 -11.85 -11.92
N ASN B 62 14.55 -11.20 -12.60
CA ASN B 62 14.75 -10.85 -14.00
C ASN B 62 15.84 -9.80 -14.16
N SER B 63 15.90 -8.82 -13.26
CA SER B 63 16.97 -7.83 -13.34
C SER B 63 18.33 -8.50 -13.18
N GLU B 64 18.41 -9.43 -12.25
CA GLU B 64 19.65 -10.17 -12.03
C GLU B 64 20.03 -10.99 -13.26
N ALA B 65 19.04 -11.71 -13.82
CA ALA B 65 19.29 -12.54 -14.99
C ALA B 65 19.80 -11.71 -16.16
N TYR B 66 19.16 -10.56 -16.40
CA TYR B 66 19.58 -9.72 -17.52
C TYR B 66 20.99 -9.18 -17.32
N SER B 67 21.32 -8.73 -16.10
CA SER B 67 22.67 -8.22 -15.84
C SER B 67 23.73 -9.32 -15.99
N LYS B 68 23.39 -10.55 -15.59
CA LYS B 68 24.31 -11.65 -15.82
C LYS B 68 24.52 -11.89 -17.31
N LEU B 69 23.45 -11.82 -18.10
CA LEU B 69 23.56 -12.07 -19.53
C LEU B 69 24.43 -11.02 -20.19
N VAL B 70 24.19 -9.75 -19.89
CA VAL B 70 25.00 -8.71 -20.50
C VAL B 70 26.46 -8.92 -20.13
N THR B 71 26.72 -9.19 -18.84
CA THR B 71 28.10 -9.36 -18.39
C THR B 71 28.77 -10.56 -19.09
N ALA B 72 28.10 -11.71 -19.09
CA ALA B 72 28.68 -12.89 -19.71
C ALA B 72 28.84 -12.70 -21.21
N ALA B 73 27.89 -12.00 -21.86
CA ALA B 73 28.01 -11.76 -23.29
C ALA B 73 29.29 -11.01 -23.64
N LEU B 74 29.72 -10.07 -22.79
CA LEU B 74 30.97 -9.37 -23.05
C LEU B 74 32.17 -10.25 -22.77
N ALA B 75 32.10 -11.09 -21.74
CA ALA B 75 33.29 -11.79 -21.27
C ALA B 75 33.51 -13.16 -21.90
N ALA B 76 32.45 -13.83 -22.35
CA ALA B 76 32.53 -15.27 -22.63
C ALA B 76 33.30 -15.57 -23.92
N VAL B 77 33.68 -16.85 -24.05
CA VAL B 77 34.33 -17.35 -25.26
C VAL B 77 33.32 -17.26 -26.40
N PRO B 78 33.77 -17.17 -27.64
CA PRO B 78 32.83 -16.95 -28.75
C PRO B 78 31.73 -18.00 -28.86
N THR B 79 32.06 -19.27 -28.58
CA THR B 79 31.03 -20.31 -28.60
C THR B 79 29.91 -20.01 -27.63
N MET B 80 30.25 -19.52 -26.44
CA MET B 80 29.22 -19.19 -25.47
C MET B 80 28.53 -17.89 -25.82
N GLN B 81 29.27 -16.89 -26.32
CA GLN B 81 28.65 -15.63 -26.72
C GLN B 81 27.51 -15.86 -27.69
N ARG B 82 27.69 -16.74 -28.67
CA ARG B 82 26.62 -16.99 -29.63
C ARG B 82 25.40 -17.62 -28.95
N LYS B 83 25.61 -18.43 -27.90
CA LYS B 83 24.48 -18.97 -27.16
C LYS B 83 23.79 -17.89 -26.32
N ILE B 84 24.56 -16.91 -25.85
CA ILE B 84 24.04 -15.88 -24.98
C ILE B 84 23.26 -14.84 -25.77
N LEU B 85 23.73 -14.45 -26.95
CA LEU B 85 23.12 -13.32 -27.66
C LEU B 85 21.61 -13.44 -27.90
N PRO B 86 21.05 -14.59 -28.28
CA PRO B 86 19.57 -14.62 -28.41
C PRO B 86 18.87 -14.51 -27.08
N LEU B 87 19.51 -14.93 -26.00
CA LEU B 87 18.91 -14.77 -24.69
C LEU B 87 18.89 -13.31 -24.30
N LEU B 88 19.87 -12.55 -24.80
CA LEU B 88 20.04 -11.17 -24.35
C LEU B 88 18.91 -10.28 -24.85
N GLY B 89 18.65 -10.30 -26.16
CA GLY B 89 17.60 -9.45 -26.71
C GLY B 89 16.21 -9.81 -26.20
N ALA B 90 15.94 -11.11 -26.07
CA ALA B 90 14.67 -11.52 -25.47
C ALA B 90 14.59 -11.09 -24.02
N ALA B 91 15.71 -11.20 -23.30
CA ALA B 91 15.69 -10.88 -21.87
C ALA B 91 15.40 -9.41 -21.68
N ALA B 92 15.94 -8.56 -22.54
CA ALA B 92 15.67 -7.14 -22.42
C ALA B 92 14.20 -6.85 -22.62
N ASP B 93 13.58 -7.55 -23.57
CA ASP B 93 12.14 -7.38 -23.81
C ASP B 93 11.29 -7.88 -22.64
N ILE B 94 11.61 -9.08 -22.13
CA ILE B 94 10.88 -9.63 -20.98
C ILE B 94 11.00 -8.72 -19.78
N LEU B 95 12.21 -8.23 -19.50
CA LEU B 95 12.41 -7.37 -18.34
C LEU B 95 11.63 -6.07 -18.48
N ASP B 96 11.67 -5.46 -19.67
CA ASP B 96 10.93 -4.22 -19.92
C ASP B 96 9.42 -4.41 -19.71
N ILE B 97 8.85 -5.47 -20.30
CA ILE B 97 7.42 -5.74 -20.12
C ILE B 97 7.11 -5.95 -18.65
N CYS B 98 7.95 -6.72 -17.97
CA CYS B 98 7.77 -7.01 -16.57
C CYS B 98 7.69 -5.73 -15.74
N ARG B 99 8.60 -4.79 -15.98
CA ARG B 99 8.60 -3.52 -15.26
C ARG B 99 7.39 -2.69 -15.62
N ARG B 100 7.00 -2.68 -16.89
CA ARG B 100 5.84 -1.89 -17.28
C ARG B 100 4.56 -2.44 -16.66
N GLU B 101 4.45 -3.77 -16.55
CA GLU B 101 3.27 -4.37 -15.92
C GLU B 101 3.21 -4.01 -14.44
N LEU B 102 4.35 -4.07 -13.75
CA LEU B 102 4.37 -3.68 -12.36
C LEU B 102 4.04 -2.21 -12.21
N ALA B 103 4.53 -1.36 -13.12
CA ALA B 103 4.24 0.07 -13.01
C ALA B 103 2.75 0.36 -13.20
N THR B 104 2.07 -0.39 -14.08
CA THR B 104 0.64 -0.23 -14.26
C THR B 104 -0.13 -0.74 -13.04
N ALA B 105 0.31 -1.86 -12.49
CA ALA B 105 -0.39 -2.46 -11.38
C ALA B 105 -0.23 -1.66 -10.09
N ARG B 106 0.95 -1.03 -9.88
CA ARG B 106 1.28 -0.44 -8.58
C ARG B 106 0.20 0.53 -8.07
N PRO B 107 -0.19 1.58 -8.81
CA PRO B 107 -1.21 2.49 -8.26
C PRO B 107 -2.55 1.82 -8.02
N LEU B 108 -2.88 0.80 -8.80
CA LEU B 108 -4.16 0.11 -8.62
C LEU B 108 -4.16 -0.71 -7.34
N VAL B 109 -3.06 -1.42 -7.10
CA VAL B 109 -2.93 -2.19 -5.87
C VAL B 109 -2.87 -1.28 -4.64
N GLN B 110 -2.13 -0.17 -4.74
CA GLN B 110 -2.06 0.76 -3.61
C GLN B 110 -3.44 1.31 -3.28
N ALA B 111 -4.20 1.70 -4.30
CA ALA B 111 -5.56 2.18 -4.08
C ALA B 111 -6.44 1.12 -3.42
N ALA B 112 -6.36 -0.13 -3.89
CA ALA B 112 -7.17 -1.18 -3.29
C ALA B 112 -6.79 -1.38 -1.82
N ILE B 113 -5.50 -1.43 -1.52
CA ILE B 113 -5.04 -1.56 -0.14
C ILE B 113 -5.61 -0.45 0.73
N SER B 114 -5.49 0.80 0.28
CA SER B 114 -5.96 1.93 1.09
C SER B 114 -7.45 1.83 1.33
N LYS B 115 -8.22 1.51 0.28
CA LYS B 115 -9.67 1.51 0.42
C LYS B 115 -10.14 0.29 1.20
N ILE B 116 -9.50 -0.86 1.02
CA ILE B 116 -9.89 -2.03 1.79
C ILE B 116 -9.61 -1.82 3.26
N GLU B 117 -8.44 -1.27 3.60
CA GLU B 117 -8.09 -1.15 5.01
C GLU B 117 -8.93 -0.09 5.70
N GLU B 118 -9.31 0.98 5.01
CA GLU B 118 -10.25 1.93 5.60
C GLU B 118 -11.59 1.25 5.88
N ALA B 119 -12.08 0.41 4.96
CA ALA B 119 -13.31 -0.33 5.21
C ALA B 119 -13.15 -1.26 6.40
N ALA B 120 -12.03 -2.00 6.46
CA ALA B 120 -11.77 -2.89 7.60
C ALA B 120 -11.86 -2.13 8.92
N GLY B 121 -11.31 -0.93 8.98
CA GLY B 121 -11.42 -0.16 10.20
C GLY B 121 -12.86 0.12 10.59
N VAL B 122 -13.71 0.43 9.61
CA VAL B 122 -15.11 0.64 9.94
C VAL B 122 -15.74 -0.63 10.45
N TYR B 123 -15.38 -1.78 9.88
CA TYR B 123 -15.94 -3.05 10.32
C TYR B 123 -15.55 -3.36 11.77
N ASN B 124 -14.39 -2.90 12.21
CA ASN B 124 -14.04 -2.99 13.62
C ASN B 124 -15.13 -2.38 14.47
N THR B 125 -15.52 -1.17 14.16
CA THR B 125 -16.57 -0.49 14.91
C THR B 125 -17.92 -1.17 14.76
N LEU B 126 -18.25 -1.62 13.57
CA LEU B 126 -19.49 -2.38 13.39
C LEU B 126 -19.50 -3.62 14.26
N HIS B 127 -18.34 -4.25 14.47
CA HIS B 127 -18.23 -5.34 15.43
C HIS B 127 -18.47 -4.85 16.87
N LYS B 128 -17.98 -3.66 17.25
CA LYS B 128 -18.25 -3.16 18.59
C LYS B 128 -19.74 -2.90 18.81
N LEU B 129 -20.47 -2.61 17.75
CA LEU B 129 -21.86 -2.22 17.83
C LEU B 129 -22.83 -3.35 17.53
N GLU B 130 -22.31 -4.54 17.22
CA GLU B 130 -23.16 -5.60 16.69
C GLU B 130 -24.17 -6.10 17.69
N ARG B 131 -23.93 -5.82 18.98
CA ARG B 131 -24.85 -6.27 20.02
C ARG B 131 -25.61 -5.08 20.61
N GLY B 132 -25.78 -4.02 19.84
CA GLY B 132 -26.48 -2.85 20.33
C GLY B 132 -25.67 -2.03 21.32
N LEU B 133 -26.34 -1.06 21.92
CA LEU B 133 -25.71 -0.14 22.83
C LEU B 133 -26.42 -0.08 24.17
N GLY B 134 -26.97 -1.19 24.62
CA GLY B 134 -27.50 -1.23 25.99
C GLY B 134 -28.85 -0.56 26.13
N GLU B 135 -29.13 -0.11 27.36
CA GLU B 135 -30.47 0.38 27.67
C GLU B 135 -30.48 1.11 29.00
N ALA B 136 -31.53 1.88 29.21
CA ALA B 136 -31.86 2.46 30.50
C ALA B 136 -33.19 1.84 30.91
N LYS B 137 -33.23 1.26 32.11
CA LYS B 137 -34.45 0.68 32.64
C LYS B 137 -34.80 1.40 33.93
N ILE B 138 -35.99 1.97 34.00
CA ILE B 138 -36.43 2.71 35.18
C ILE B 138 -37.51 2.00 35.99
N GLU B 139 -37.13 1.44 37.12
CA GLU B 139 -38.07 0.76 38.02
C GLU B 139 -38.49 1.76 39.09
N PHE B 140 -39.78 2.07 39.15
CA PHE B 140 -40.26 3.04 40.11
C PHE B 140 -40.41 2.47 41.54
N THR B 143 -44.03 1.79 44.88
CA THR B 143 -44.41 2.68 45.96
C THR B 143 -44.78 4.12 45.53
N ASP B 144 -43.92 4.80 44.77
CA ASP B 144 -44.25 6.15 44.29
C ASP B 144 -43.65 6.36 42.90
N LEU B 145 -43.86 7.55 42.35
CA LEU B 145 -43.33 7.91 41.04
C LEU B 145 -42.29 9.04 41.12
N ARG B 146 -41.54 9.10 42.23
CA ARG B 146 -40.32 9.89 42.25
C ARG B 146 -39.19 9.10 41.60
N LEU B 147 -38.15 9.81 41.18
CA LEU B 147 -37.11 9.17 40.37
C LEU B 147 -35.73 9.68 40.74
N THR B 148 -34.85 8.75 41.13
CA THR B 148 -33.41 8.99 41.17
C THR B 148 -32.67 7.78 40.59
N LYS B 149 -31.34 7.90 40.48
CA LYS B 149 -30.56 6.89 39.80
C LYS B 149 -30.82 5.48 40.31
N THR B 150 -31.11 5.32 41.61
CA THR B 150 -31.29 3.95 42.07
C THR B 150 -32.57 3.35 41.48
N LYS B 151 -33.45 4.20 40.93
CA LYS B 151 -34.63 3.64 40.27
C LYS B 151 -34.29 3.15 38.85
N PHE B 152 -33.15 3.60 38.32
CA PHE B 152 -32.59 3.09 37.08
C PHE B 152 -31.88 1.78 37.38
N ARG B 153 -32.56 0.66 37.18
CA ARG B 153 -31.95 -0.64 37.47
C ARG B 153 -30.90 -0.97 36.42
N ALA B 154 -31.25 -0.81 35.14
CA ALA B 154 -30.30 -0.96 34.04
C ALA B 154 -29.77 0.40 33.65
N THR B 155 -28.45 0.50 33.51
CA THR B 155 -27.77 1.66 32.95
C THR B 155 -26.65 1.21 32.01
N SER B 156 -26.92 0.17 31.22
CA SER B 156 -25.97 -0.32 30.24
C SER B 156 -25.82 0.59 29.02
N LEU B 157 -26.63 1.64 28.92
CA LEU B 157 -26.64 2.44 27.69
C LEU B 157 -25.26 2.99 27.39
N GLY B 158 -24.77 2.71 26.18
CA GLY B 158 -23.44 3.11 25.77
C GLY B 158 -22.41 2.02 25.88
N THR B 159 -22.78 0.83 26.34
CA THR B 159 -21.83 -0.26 26.44
C THR B 159 -21.64 -0.91 25.09
N ILE B 160 -20.41 -0.85 24.58
CA ILE B 160 -20.07 -1.47 23.32
C ILE B 160 -19.53 -2.85 23.59
N HIS B 161 -19.51 -3.65 22.54
CA HIS B 161 -19.04 -5.03 22.60
C HIS B 161 -17.52 -5.11 22.49
N THR B 162 -16.89 -5.79 23.46
CA THR B 162 -15.43 -5.82 23.57
C THR B 162 -14.77 -7.14 23.18
N ALA B 163 -15.53 -8.22 23.01
CA ALA B 163 -14.93 -9.53 22.77
C ALA B 163 -14.28 -9.63 21.40
N ASP B 164 -13.28 -10.51 21.30
CA ASP B 164 -12.68 -10.85 20.03
C ASP B 164 -13.68 -11.56 19.12
N CYS B 165 -13.31 -11.69 17.85
CA CYS B 165 -14.15 -12.38 16.89
C CYS B 165 -14.20 -13.87 17.20
N PRO B 166 -15.32 -14.51 16.90
CA PRO B 166 -15.40 -15.97 17.07
C PRO B 166 -14.43 -16.67 16.14
N ASN B 167 -13.82 -17.75 16.66
CA ASN B 167 -12.83 -18.51 15.91
C ASN B 167 -13.47 -19.46 14.89
N GLU B 172 -19.32 -17.21 7.63
CA GLU B 172 -18.49 -17.57 6.47
C GLU B 172 -18.60 -19.06 6.16
N VAL B 175 -16.94 -20.71 2.16
CA VAL B 175 -16.88 -19.59 1.22
C VAL B 175 -15.64 -19.68 0.32
N LYS B 176 -15.85 -19.62 -0.99
CA LYS B 176 -14.81 -19.78 -2.00
C LYS B 176 -14.14 -18.43 -2.27
N ILE B 177 -12.82 -18.37 -2.09
CA ILE B 177 -12.03 -17.16 -2.35
C ILE B 177 -10.97 -17.50 -3.38
N GLY B 178 -10.94 -16.75 -4.48
CA GLY B 178 -9.98 -16.98 -5.56
C GLY B 178 -10.22 -16.03 -6.70
N LEU B 179 -9.19 -15.71 -7.50
CA LEU B 179 -9.35 -14.75 -8.58
C LEU B 179 -10.43 -15.18 -9.57
N GLU B 180 -10.56 -16.49 -9.82
CA GLU B 180 -11.59 -17.02 -10.71
C GLU B 180 -12.98 -16.76 -10.16
N HIS B 181 -13.11 -16.71 -8.85
CA HIS B 181 -14.36 -16.50 -8.18
C HIS B 181 -14.68 -15.02 -7.97
N GLU B 182 -13.76 -14.11 -8.34
CA GLU B 182 -13.91 -12.70 -7.98
C GLU B 182 -15.03 -12.03 -8.76
N GLU B 183 -15.21 -12.41 -10.04
CA GLU B 183 -16.23 -11.72 -10.84
C GLU B 183 -17.62 -11.93 -10.26
N ASN B 184 -17.88 -13.06 -9.61
CA ASN B 184 -19.22 -13.33 -9.11
C ASN B 184 -19.40 -12.92 -7.65
N GLU B 185 -18.36 -12.39 -7.02
CA GLU B 185 -18.43 -12.02 -5.61
C GLU B 185 -19.41 -10.87 -5.39
N PRO B 186 -20.33 -10.98 -4.43
CA PRO B 186 -21.26 -9.86 -4.18
C PRO B 186 -20.57 -8.71 -3.47
N GLU B 187 -21.18 -7.53 -3.54
CA GLU B 187 -20.67 -6.39 -2.80
C GLU B 187 -20.62 -6.70 -1.30
N PRO B 188 -19.63 -6.17 -0.57
CA PRO B 188 -19.61 -6.35 0.89
C PRO B 188 -20.85 -5.77 1.56
N ALA B 189 -21.32 -6.43 2.61
CA ALA B 189 -22.55 -6.03 3.26
C ALA B 189 -22.34 -4.81 4.15
N LYS B 190 -23.34 -3.94 4.23
CA LYS B 190 -23.23 -2.77 5.09
C LYS B 190 -23.48 -3.12 6.55
N LEU B 191 -24.27 -4.17 6.81
CA LEU B 191 -24.55 -4.70 8.15
C LEU B 191 -25.46 -3.77 8.95
N ILE B 192 -25.05 -2.53 9.18
CA ILE B 192 -25.85 -1.59 9.95
C ILE B 192 -26.22 -0.44 9.03
N THR B 193 -27.54 -0.22 8.87
CA THR B 193 -28.04 0.95 8.17
C THR B 193 -28.94 1.80 9.04
N HIS B 194 -29.51 1.24 10.11
CA HIS B 194 -30.46 1.97 10.95
C HIS B 194 -30.21 1.68 12.43
N GLY B 195 -30.43 2.71 13.25
CA GLY B 195 -30.53 2.52 14.68
C GLY B 195 -32.00 2.49 15.10
N HIS B 196 -32.31 1.68 16.10
CA HIS B 196 -33.68 1.45 16.54
C HIS B 196 -33.87 1.84 18.01
N LEU B 197 -34.91 2.63 18.28
CA LEU B 197 -35.35 2.86 19.66
C LEU B 197 -36.26 1.70 20.05
N ASP B 198 -35.76 0.81 20.89
CA ASP B 198 -36.59 -0.23 21.46
C ASP B 198 -37.19 0.29 22.77
N ALA B 199 -38.46 -0.05 23.00
CA ALA B 199 -39.18 0.41 24.17
C ALA B 199 -40.00 -0.73 24.76
N THR B 200 -40.05 -0.75 26.09
CA THR B 200 -40.92 -1.63 26.84
C THR B 200 -41.54 -0.84 27.96
N CYS B 201 -42.82 -1.06 28.20
CA CYS B 201 -43.52 -0.44 29.32
C CYS B 201 -44.47 -1.47 29.89
N ALA B 202 -44.27 -1.84 31.15
CA ALA B 202 -45.09 -2.86 31.80
C ALA B 202 -45.47 -2.30 33.16
N SER B 203 -46.73 -1.84 33.26
CA SER B 203 -47.31 -1.21 34.44
C SER B 203 -48.09 -2.23 35.26
N GLY B 204 -48.44 -1.84 36.49
CA GLY B 204 -49.27 -2.67 37.34
C GLY B 204 -48.48 -3.78 37.99
N VAL B 205 -48.87 -4.17 39.21
CA VAL B 205 -48.05 -5.11 39.97
C VAL B 205 -47.84 -6.39 39.17
N GLY B 206 -46.67 -7.01 39.33
CA GLY B 206 -46.26 -8.08 38.44
C GLY B 206 -45.79 -7.63 37.06
N GLN B 207 -45.92 -6.33 36.77
CA GLN B 207 -45.54 -5.72 35.46
C GLN B 207 -46.09 -6.59 34.34
N SER B 208 -47.41 -6.74 34.36
CA SER B 208 -48.09 -7.68 33.49
C SER B 208 -48.94 -7.00 32.44
N SER B 209 -49.10 -5.67 32.53
CA SER B 209 -50.08 -4.94 31.77
C SER B 209 -49.43 -3.94 30.82
N SER B 210 -50.12 -3.64 29.73
CA SER B 210 -49.66 -2.65 28.79
C SER B 210 -49.97 -1.25 29.33
N CYS B 211 -49.09 -0.30 29.01
CA CYS B 211 -49.23 1.08 29.48
C CYS B 211 -50.19 1.91 28.64
N HIS B 212 -50.72 1.35 27.56
CA HIS B 212 -51.68 2.11 26.80
C HIS B 212 -53.06 2.09 27.45
N THR B 213 -53.33 1.13 28.34
CA THR B 213 -54.57 1.08 29.10
C THR B 213 -54.36 1.13 30.61
N THR B 214 -53.26 0.59 31.13
CA THR B 214 -52.92 0.69 32.55
C THR B 214 -51.83 1.74 32.70
N ALA B 215 -52.20 2.94 33.11
CA ALA B 215 -51.27 4.06 33.05
C ALA B 215 -50.02 3.78 33.89
N VAL B 216 -48.96 4.57 33.63
CA VAL B 216 -47.70 4.38 34.34
C VAL B 216 -47.91 4.73 35.81
N GLU B 217 -47.58 3.78 36.68
CA GLU B 217 -47.81 3.92 38.11
C GLU B 217 -46.58 3.39 38.85
N ALA B 218 -46.76 3.06 40.13
CA ALA B 218 -45.65 2.81 41.03
C ALA B 218 -44.92 1.49 40.74
N ASN B 219 -45.56 0.52 40.09
CA ASN B 219 -44.92 -0.74 39.79
C ASN B 219 -44.44 -0.83 38.35
N THR B 220 -44.42 0.29 37.63
CA THR B 220 -44.14 0.24 36.20
C THR B 220 -42.65 0.06 35.92
N HIS B 221 -42.32 -0.81 34.99
CA HIS B 221 -40.96 -1.00 34.50
C HIS B 221 -40.95 -0.27 33.09
N LEU B 222 -40.12 0.75 32.90
CA LEU B 222 -39.97 1.50 31.66
C LEU B 222 -38.54 1.31 31.16
N THR B 223 -38.41 0.67 29.98
CA THR B 223 -37.13 0.29 29.39
C THR B 223 -36.99 0.90 28.02
N LEU B 224 -35.91 1.65 27.80
CA LEU B 224 -35.57 2.24 26.52
C LEU B 224 -34.18 1.75 26.12
N GLY B 225 -34.05 1.24 24.90
CA GLY B 225 -32.77 0.71 24.46
C GLY B 225 -32.44 1.16 23.04
N LEU B 226 -31.21 0.88 22.63
CA LEU B 226 -30.74 1.21 21.29
C LEU B 226 -30.10 -0.02 20.67
N THR B 227 -30.66 -0.48 19.57
CA THR B 227 -30.06 -1.54 18.75
C THR B 227 -29.89 -1.04 17.33
N PHE B 228 -29.24 -1.84 16.52
CA PHE B 228 -28.99 -1.48 15.14
C PHE B 228 -29.27 -2.66 14.26
N SER B 229 -29.60 -2.43 13.00
CA SER B 229 -29.75 -3.52 12.04
C SER B 229 -29.57 -2.98 10.62
N GLY B 230 -29.76 -3.86 9.64
CA GLY B 230 -29.67 -3.51 8.25
C GLY B 230 -30.98 -3.19 7.58
N SER B 231 -32.06 -2.97 8.34
CA SER B 231 -33.38 -2.64 7.82
C SER B 231 -34.01 -1.59 8.71
N SER B 232 -34.82 -0.71 8.12
CA SER B 232 -35.63 0.19 8.94
C SER B 232 -36.78 -0.58 9.60
N LYS B 233 -37.17 -0.15 10.79
CA LYS B 233 -38.24 -0.80 11.56
C LYS B 233 -39.20 0.23 12.15
N ASP B 234 -40.51 -0.06 12.09
CA ASP B 234 -41.46 0.72 12.88
C ASP B 234 -42.55 -0.24 13.33
N GLU B 235 -42.41 -0.74 14.57
CA GLU B 235 -43.36 -1.66 15.15
C GLU B 235 -44.30 -0.97 16.13
N SER B 236 -44.50 0.34 15.96
CA SER B 236 -45.34 1.09 16.89
C SER B 236 -46.78 0.60 16.85
N ALA B 237 -47.27 0.17 15.68
CA ALA B 237 -48.67 -0.21 15.59
C ALA B 237 -48.99 -1.33 16.57
N THR B 238 -48.17 -2.39 16.58
CA THR B 238 -48.40 -3.45 17.53
C THR B 238 -48.02 -3.03 18.94
N TRP B 239 -47.01 -2.18 19.09
CA TRP B 239 -46.56 -1.81 20.43
C TRP B 239 -47.60 -0.95 21.12
N ASN B 240 -48.29 -0.10 20.36
CA ASN B 240 -49.29 0.80 20.93
C ASN B 240 -50.47 0.04 21.55
N ALA B 241 -50.69 -1.22 21.19
CA ALA B 241 -51.71 -2.08 21.79
C ALA B 241 -51.15 -3.08 22.80
N ALA B 242 -49.83 -3.09 23.02
CA ALA B 242 -49.20 -4.01 23.94
C ALA B 242 -47.80 -3.53 24.27
N THR B 243 -47.69 -2.48 25.10
CA THR B 243 -46.38 -1.87 25.34
C THR B 243 -45.47 -2.73 26.17
N ASN B 244 -45.99 -3.77 26.82
CA ASN B 244 -45.19 -4.64 27.66
C ASN B 244 -44.38 -5.66 26.86
N ASN B 245 -44.32 -5.51 25.53
CA ASN B 245 -43.41 -6.31 24.70
C ASN B 245 -42.39 -5.38 24.05
N LYS B 246 -41.12 -5.77 24.12
CA LYS B 246 -40.05 -4.96 23.52
C LYS B 246 -40.25 -4.93 22.02
N ARG B 247 -40.34 -3.72 21.48
CA ARG B 247 -40.51 -3.52 20.05
C ARG B 247 -39.73 -2.29 19.64
N ALA B 248 -39.22 -2.31 18.41
CA ALA B 248 -38.54 -1.15 17.83
C ALA B 248 -39.61 -0.20 17.31
N ILE B 249 -39.85 0.89 18.04
CA ILE B 249 -40.95 1.76 17.72
C ILE B 249 -40.52 2.96 16.89
N HIS B 250 -39.21 3.10 16.66
CA HIS B 250 -38.71 4.15 15.78
C HIS B 250 -37.33 3.76 15.28
N SER B 251 -37.02 4.17 14.05
CA SER B 251 -35.72 3.93 13.45
C SER B 251 -35.14 5.25 12.95
N ASN B 252 -33.80 5.34 12.97
CA ASN B 252 -33.09 6.48 12.40
C ASN B 252 -31.91 5.98 11.58
N ASP B 253 -31.45 6.83 10.67
CA ASP B 253 -30.35 6.47 9.78
C ASP B 253 -29.06 6.29 10.57
N ALA B 254 -28.37 5.17 10.32
CA ALA B 254 -27.10 4.87 10.97
C ALA B 254 -26.18 4.19 9.95
N ASP B 255 -25.85 4.91 8.88
CA ASP B 255 -25.05 4.36 7.79
C ASP B 255 -23.57 4.60 8.08
N PHE B 256 -22.96 3.67 8.81
CA PHE B 256 -21.58 3.86 9.26
C PHE B 256 -20.60 3.72 8.10
N LEU B 257 -20.80 2.73 7.25
CA LEU B 257 -19.86 2.45 6.16
C LEU B 257 -19.95 3.49 5.04
N GLY B 258 -21.12 4.07 4.82
CA GLY B 258 -21.27 4.89 3.64
C GLY B 258 -20.96 4.06 2.41
N SER B 259 -20.17 4.60 1.49
CA SER B 259 -19.73 3.85 0.32
C SER B 259 -18.41 3.11 0.52
N ASN B 260 -17.85 3.14 1.74
CA ASN B 260 -16.46 2.70 1.95
C ASN B 260 -16.23 1.28 1.43
N ALA B 261 -17.13 0.35 1.77
CA ALA B 261 -16.91 -1.05 1.43
C ALA B 261 -17.18 -1.33 -0.05
N THR B 262 -18.17 -0.64 -0.63
CA THR B 262 -18.42 -0.78 -2.06
C THR B 262 -17.29 -0.17 -2.86
N VAL B 263 -16.71 0.93 -2.38
CA VAL B 263 -15.58 1.56 -3.06
C VAL B 263 -14.34 0.66 -2.99
N ALA B 264 -14.17 -0.10 -1.90
CA ALA B 264 -13.06 -1.05 -1.85
C ALA B 264 -13.26 -2.18 -2.86
N HIS B 265 -14.47 -2.74 -2.88
CA HIS B 265 -14.89 -3.75 -3.84
C HIS B 265 -14.59 -3.31 -5.26
N GLU B 266 -15.00 -2.09 -5.61
CA GLU B 266 -14.72 -1.55 -6.94
C GLU B 266 -13.22 -1.37 -7.20
N ALA B 267 -12.42 -1.09 -6.17
CA ALA B 267 -10.98 -1.00 -6.38
C ALA B 267 -10.38 -2.37 -6.71
N LEU B 268 -10.92 -3.45 -6.15
CA LEU B 268 -10.45 -4.77 -6.55
C LEU B 268 -10.81 -5.05 -8.00
N LYS B 269 -12.02 -4.67 -8.42
CA LYS B 269 -12.39 -4.85 -9.82
C LYS B 269 -11.50 -4.01 -10.75
N ALA B 270 -11.08 -2.82 -10.30
CA ALA B 270 -10.24 -1.95 -11.13
C ALA B 270 -8.93 -2.63 -11.53
N ILE B 271 -8.37 -3.47 -10.65
CA ILE B 271 -7.17 -4.23 -10.97
C ILE B 271 -7.47 -5.21 -12.10
N ARG B 272 -8.57 -5.96 -11.95
CA ARG B 272 -8.93 -6.95 -12.97
C ARG B 272 -9.24 -6.27 -14.29
N SER B 273 -10.00 -5.15 -14.24
CA SER B 273 -10.37 -4.45 -15.47
C SER B 273 -9.13 -4.02 -16.25
N ALA B 274 -8.08 -3.62 -15.56
CA ALA B 274 -6.83 -3.23 -16.18
C ALA B 274 -5.96 -4.42 -16.62
N GLY B 275 -6.44 -5.65 -16.40
CA GLY B 275 -5.64 -6.82 -16.69
C GLY B 275 -4.36 -6.88 -15.90
N ALA B 276 -4.36 -6.33 -14.68
CA ALA B 276 -3.15 -6.13 -13.91
C ALA B 276 -3.05 -7.02 -12.67
N SER B 277 -3.77 -8.14 -12.63
CA SER B 277 -3.82 -8.97 -11.43
C SER B 277 -2.58 -9.81 -11.21
N THR B 278 -1.86 -10.17 -12.29
CA THR B 278 -0.66 -10.99 -12.19
C THR B 278 0.46 -10.36 -12.99
N PRO B 279 0.98 -9.21 -12.53
CA PRO B 279 2.05 -8.54 -13.27
C PRO B 279 3.38 -9.27 -13.13
N CYS B 280 4.20 -9.14 -14.18
CA CYS B 280 5.55 -9.71 -14.21
C CYS B 280 5.54 -11.19 -13.83
N SER B 281 4.69 -11.96 -14.50
CA SER B 281 4.61 -13.40 -14.27
C SER B 281 5.67 -14.18 -15.04
N SER B 282 6.36 -13.58 -16.01
CA SER B 282 7.33 -14.31 -16.84
C SER B 282 8.73 -14.19 -16.25
N LEU B 283 9.50 -15.27 -16.36
CA LEU B 283 10.86 -15.33 -15.83
C LEU B 283 11.84 -15.57 -16.98
N ILE B 284 12.95 -14.83 -16.98
CA ILE B 284 13.99 -15.04 -17.98
C ILE B 284 14.57 -16.44 -17.87
N THR B 285 14.58 -17.02 -16.67
CA THR B 285 15.08 -18.37 -16.47
C THR B 285 14.08 -19.44 -16.90
N ASP B 286 12.90 -19.05 -17.39
CA ASP B 286 11.94 -19.98 -17.92
C ASP B 286 12.11 -20.01 -19.43
N PHE B 287 12.66 -21.12 -19.96
CA PHE B 287 12.91 -21.14 -21.38
C PHE B 287 11.62 -20.94 -22.19
N ASN B 288 10.48 -21.37 -21.67
CA ASN B 288 9.23 -21.18 -22.39
C ASN B 288 8.93 -19.70 -22.61
N ALA B 289 9.26 -18.86 -21.63
CA ALA B 289 9.09 -17.42 -21.80
C ALA B 289 10.07 -16.88 -22.82
N VAL B 290 11.30 -17.37 -22.79
CA VAL B 290 12.30 -16.90 -23.75
C VAL B 290 11.87 -17.27 -25.16
N ARG B 291 11.56 -18.54 -25.37
CA ARG B 291 11.16 -19.03 -26.69
C ARG B 291 9.99 -18.28 -27.31
N ALA B 292 9.05 -17.85 -26.48
CA ALA B 292 7.87 -17.14 -26.94
C ALA B 292 8.12 -15.65 -27.15
N ASN B 293 9.29 -15.17 -26.82
CA ASN B 293 9.50 -13.75 -26.98
C ASN B 293 9.79 -13.44 -28.45
N PRO B 294 9.13 -12.44 -29.02
CA PRO B 294 9.34 -12.11 -30.44
C PRO B 294 10.79 -11.83 -30.83
N LYS B 295 11.65 -11.37 -29.93
CA LYS B 295 13.05 -11.07 -30.31
C LYS B 295 13.90 -12.32 -30.52
N PHE B 296 13.50 -13.45 -29.93
CA PHE B 296 14.36 -14.61 -29.80
C PHE B 296 14.70 -15.24 -31.15
N LYS B 297 13.69 -15.60 -31.95
CA LYS B 297 13.96 -16.38 -33.17
C LYS B 297 14.94 -15.67 -34.10
N LEU B 298 14.73 -14.38 -34.34
CA LEU B 298 15.61 -13.65 -35.25
C LEU B 298 17.05 -13.69 -34.77
N MET B 299 17.27 -13.55 -33.46
CA MET B 299 18.64 -13.56 -32.99
C MET B 299 19.25 -14.95 -33.07
N VAL B 300 18.45 -16.03 -32.94
CA VAL B 300 18.97 -17.36 -33.23
C VAL B 300 19.48 -17.45 -34.66
N ILE B 301 18.69 -16.91 -35.59
CA ILE B 301 19.12 -16.92 -36.99
C ILE B 301 20.41 -16.12 -37.16
N LYS B 302 20.46 -14.92 -36.58
CA LYS B 302 21.62 -14.04 -36.77
C LYS B 302 22.88 -14.61 -36.12
N ALA B 303 22.76 -15.14 -34.91
CA ALA B 303 23.91 -15.53 -34.09
C ALA B 303 24.26 -17.02 -34.17
N LEU B 304 23.27 -17.90 -34.42
CA LEU B 304 23.52 -19.33 -34.39
C LEU B 304 23.45 -20.01 -35.76
N LEU B 305 22.88 -19.36 -36.77
CA LEU B 305 22.76 -19.93 -38.11
C LEU B 305 23.62 -19.20 -39.15
N ASN B 306 24.60 -18.40 -38.71
CA ASN B 306 25.58 -17.77 -39.62
C ASN B 306 24.90 -16.90 -40.68
N LYS B 307 23.85 -16.18 -40.28
CA LYS B 307 23.17 -15.22 -41.16
C LYS B 307 23.05 -13.91 -40.41
N PRO B 308 24.17 -13.25 -40.13
CA PRO B 308 24.15 -12.08 -39.22
C PRO B 308 23.41 -10.86 -39.75
N THR B 309 23.17 -10.75 -41.07
CA THR B 309 22.39 -9.64 -41.62
C THR B 309 20.92 -9.95 -41.71
N ALA B 310 20.49 -11.13 -41.25
CA ALA B 310 19.07 -11.45 -41.27
C ALA B 310 18.28 -10.43 -40.46
N GLU B 311 17.10 -10.09 -40.97
CA GLU B 311 16.16 -9.25 -40.23
C GLU B 311 14.74 -9.79 -40.22
N LYS B 312 14.48 -10.93 -40.87
CA LYS B 312 13.17 -11.53 -40.92
C LYS B 312 13.26 -12.99 -40.52
N GLU B 313 12.18 -13.52 -39.93
CA GLU B 313 12.14 -14.93 -39.56
C GLU B 313 12.08 -15.84 -40.79
N SER B 314 11.62 -15.32 -41.92
CA SER B 314 11.63 -16.08 -43.16
C SER B 314 13.04 -16.22 -43.74
N ASP B 315 14.06 -15.60 -43.12
CA ASP B 315 15.41 -15.76 -43.64
C ASP B 315 15.98 -17.14 -43.37
N ALA B 316 15.29 -18.00 -42.64
CA ALA B 316 15.77 -19.36 -42.46
C ALA B 316 14.59 -20.30 -42.30
N PRO B 317 14.74 -21.57 -42.67
CA PRO B 317 13.68 -22.54 -42.42
C PRO B 317 13.48 -22.74 -40.91
N ALA B 318 12.21 -22.86 -40.51
CA ALA B 318 11.91 -23.07 -39.10
C ALA B 318 12.63 -24.30 -38.55
N ASP B 319 12.77 -25.35 -39.37
CA ASP B 319 13.43 -26.55 -38.89
C ASP B 319 14.89 -26.29 -38.52
N GLU B 320 15.55 -25.38 -39.24
CA GLU B 320 16.95 -25.09 -38.93
C GLU B 320 17.07 -24.29 -37.64
N VAL B 321 16.15 -23.35 -37.43
CA VAL B 321 16.06 -22.63 -36.17
C VAL B 321 15.92 -23.62 -35.02
N ASN B 322 15.00 -24.59 -35.16
CA ASN B 322 14.77 -25.57 -34.10
C ASN B 322 16.02 -26.39 -33.82
N ASN B 323 16.74 -26.78 -34.88
CA ASN B 323 17.98 -27.53 -34.68
C ASN B 323 19.01 -26.68 -33.97
N ALA B 324 19.10 -25.38 -34.31
CA ALA B 324 20.02 -24.49 -33.61
C ALA B 324 19.65 -24.35 -32.14
N ILE B 325 18.36 -24.25 -31.84
CA ILE B 325 17.90 -24.16 -30.46
C ILE B 325 18.26 -25.45 -29.71
N ASN B 326 18.01 -26.59 -30.33
CA ASN B 326 18.29 -27.86 -29.66
C ASN B 326 19.78 -28.01 -29.35
N SER B 327 20.64 -27.57 -30.26
CA SER B 327 22.07 -27.67 -30.04
C SER B 327 22.55 -26.71 -28.94
N ALA B 328 21.98 -25.50 -28.88
CA ALA B 328 22.50 -24.50 -27.95
C ALA B 328 21.94 -24.68 -26.54
N TYR B 329 20.66 -25.06 -26.41
CA TYR B 329 19.95 -25.05 -25.13
C TYR B 329 19.43 -26.43 -24.74
N GLY B 330 19.92 -27.48 -25.38
CA GLY B 330 19.32 -28.79 -25.22
C GLY B 330 18.04 -28.86 -26.03
N ARG B 331 17.62 -30.09 -26.31
CA ARG B 331 16.41 -30.32 -27.10
C ARG B 331 15.22 -29.58 -26.49
N GLU B 332 14.63 -28.70 -27.28
CA GLU B 332 13.52 -27.87 -26.85
C GLU B 332 13.86 -27.08 -25.59
N GLY B 333 15.11 -26.68 -25.45
CA GLY B 333 15.53 -25.91 -24.30
C GLY B 333 15.59 -26.69 -23.01
N SER B 334 15.58 -28.02 -23.09
CA SER B 334 15.55 -28.85 -21.89
C SER B 334 16.80 -28.73 -21.01
N GLU B 335 17.91 -28.19 -21.52
CA GLU B 335 19.11 -27.99 -20.70
C GLU B 335 19.35 -26.52 -20.36
N TYR B 336 18.34 -25.68 -20.55
CA TYR B 336 18.49 -24.24 -20.33
C TYR B 336 18.98 -23.94 -18.93
N ASN B 337 18.42 -24.61 -17.93
CA ASN B 337 18.80 -24.31 -16.57
C ASN B 337 19.91 -25.22 -16.10
N THR B 338 19.85 -26.50 -16.46
CA THR B 338 20.83 -27.45 -15.98
C THR B 338 22.19 -27.22 -16.61
N LYS B 339 22.24 -26.71 -17.85
CA LYS B 339 23.50 -26.48 -18.53
C LYS B 339 23.73 -25.02 -18.93
N THR B 340 22.79 -24.40 -19.62
CA THR B 340 23.08 -23.07 -20.17
C THR B 340 23.39 -22.08 -19.07
N TRP B 341 22.52 -21.99 -18.05
CA TRP B 341 22.73 -20.97 -17.03
C TRP B 341 23.90 -21.31 -16.12
N LYS B 342 24.20 -22.61 -15.93
CA LYS B 342 25.42 -22.97 -15.23
C LYS B 342 26.66 -22.55 -16.03
N ASP B 343 26.63 -22.72 -17.35
CA ASP B 343 27.75 -22.28 -18.17
C ASP B 343 27.90 -20.76 -18.13
N ILE B 344 26.78 -20.02 -18.19
CA ILE B 344 26.83 -18.57 -18.07
C ILE B 344 27.45 -18.16 -16.74
N GLY B 345 27.02 -18.81 -15.66
CA GLY B 345 27.52 -18.45 -14.35
C GLY B 345 28.99 -18.76 -14.14
N SER B 346 29.56 -19.66 -14.93
CA SER B 346 30.96 -20.01 -14.78
C SER B 346 31.89 -19.18 -15.67
N THR B 347 31.35 -18.21 -16.41
CA THR B 347 32.17 -17.29 -17.18
C THR B 347 33.10 -16.48 -16.29
N ARG B 348 34.38 -16.41 -16.68
CA ARG B 348 35.39 -15.69 -15.90
C ARG B 348 35.39 -14.22 -16.26
N ILE B 349 35.41 -13.37 -15.25
CA ILE B 349 35.35 -11.92 -15.47
C ILE B 349 36.40 -11.26 -14.58
N PRO B 350 36.82 -10.04 -14.93
CA PRO B 350 37.82 -9.34 -14.11
C PRO B 350 37.33 -9.06 -12.69
N LYS B 351 38.27 -9.03 -11.76
CA LYS B 351 37.99 -8.79 -10.34
C LYS B 351 39.01 -7.79 -9.81
N ALA B 352 38.53 -6.70 -9.19
CA ALA B 352 39.44 -5.69 -8.64
C ALA B 352 40.18 -6.28 -7.44
N ASP B 353 41.47 -5.98 -7.36
CA ASP B 353 42.34 -6.43 -6.28
C ASP B 353 43.48 -5.42 -6.09
N PRO B 354 43.86 -5.12 -4.84
CA PRO B 354 44.91 -4.11 -4.67
C PRO B 354 46.27 -4.52 -5.24
N PRO B 355 46.69 -5.79 -5.16
CA PRO B 355 47.96 -6.18 -5.80
C PRO B 355 47.88 -6.48 -7.28
N GLY B 356 46.76 -6.18 -7.93
CA GLY B 356 46.63 -6.37 -9.37
C GLY B 356 45.34 -7.09 -9.68
N GLU B 357 44.78 -6.77 -10.84
CA GLU B 357 43.49 -7.33 -11.25
C GLU B 357 43.57 -8.85 -11.29
N LYS B 358 42.58 -9.49 -10.67
CA LYS B 358 42.37 -10.93 -10.65
C LYS B 358 41.17 -11.26 -11.53
N THR B 359 40.79 -12.55 -11.56
CA THR B 359 39.60 -12.99 -12.29
C THR B 359 38.86 -14.01 -11.45
N ASP B 360 37.56 -14.09 -11.67
CA ASP B 360 36.73 -15.11 -11.03
C ASP B 360 35.45 -15.24 -11.83
N THR B 361 34.59 -16.15 -11.39
CA THR B 361 33.38 -16.44 -12.15
C THR B 361 32.24 -15.49 -11.77
N ILE B 362 31.31 -15.37 -12.71
CA ILE B 362 30.09 -14.58 -12.48
C ILE B 362 29.38 -15.05 -11.22
N ASP B 363 29.34 -16.36 -11.01
CA ASP B 363 28.62 -16.88 -9.84
C ASP B 363 29.34 -16.58 -8.53
N LYS B 364 30.68 -16.53 -8.54
CA LYS B 364 31.37 -16.20 -7.30
C LYS B 364 31.35 -14.70 -7.03
N LEU B 365 31.42 -13.88 -8.09
CA LEU B 365 31.28 -12.43 -7.99
C LEU B 365 29.83 -12.02 -8.26
N SER B 366 28.92 -12.55 -7.43
CA SER B 366 27.50 -12.59 -7.77
C SER B 366 26.76 -11.32 -7.34
N SER B 367 27.21 -10.17 -7.83
CA SER B 367 26.56 -8.93 -7.47
C SER B 367 26.65 -7.95 -8.62
N LEU B 368 25.58 -7.18 -8.80
CA LEU B 368 25.59 -6.13 -9.80
C LEU B 368 26.79 -5.19 -9.69
N PRO B 369 27.23 -4.75 -8.50
CA PRO B 369 28.40 -3.84 -8.49
C PRO B 369 29.68 -4.49 -9.00
N GLN B 370 29.89 -5.78 -8.70
CA GLN B 370 31.06 -6.46 -9.25
C GLN B 370 30.92 -6.70 -10.75
N TRP B 371 29.70 -6.92 -11.23
CA TRP B 371 29.51 -7.10 -12.67
C TRP B 371 29.75 -5.80 -13.43
N GLY B 372 29.25 -4.68 -12.92
CA GLY B 372 29.47 -3.40 -13.57
C GLY B 372 30.94 -3.03 -13.60
N ASP B 373 31.65 -3.26 -12.50
CA ASP B 373 33.09 -3.07 -12.49
C ASP B 373 33.79 -3.94 -13.55
N ALA B 374 33.39 -5.21 -13.64
CA ALA B 374 33.97 -6.11 -14.64
C ALA B 374 33.73 -5.61 -16.05
N ILE B 375 32.52 -5.11 -16.35
CA ILE B 375 32.23 -4.62 -17.69
C ILE B 375 33.18 -3.50 -18.07
N ALA B 376 33.42 -2.56 -17.16
CA ALA B 376 34.38 -1.49 -17.42
C ALA B 376 35.77 -2.03 -17.69
N ARG B 377 36.20 -2.98 -16.86
CA ARG B 377 37.53 -3.52 -17.03
C ARG B 377 37.66 -4.32 -18.34
N LEU B 378 36.59 -5.03 -18.73
CA LEU B 378 36.61 -5.75 -19.98
C LEU B 378 36.69 -4.79 -21.16
N LEU B 379 35.91 -3.72 -21.14
CA LEU B 379 35.94 -2.80 -22.27
C LEU B 379 37.27 -2.07 -22.35
N LEU B 380 37.88 -1.77 -21.19
CA LEU B 380 39.20 -1.14 -21.20
C LEU B 380 40.24 -2.10 -21.79
N GLN B 381 40.18 -3.38 -21.44
CA GLN B 381 41.13 -4.35 -22.02
C GLN B 381 41.01 -4.38 -23.53
N GLU B 382 39.80 -4.33 -24.07
CA GLU B 382 39.64 -4.30 -25.52
C GLU B 382 40.25 -3.04 -26.10
N ILE B 383 40.00 -1.89 -25.46
CA ILE B 383 40.63 -0.64 -25.90
C ILE B 383 42.15 -0.79 -25.89
N THR B 384 42.70 -1.27 -24.78
CA THR B 384 44.15 -1.42 -24.66
C THR B 384 44.80 -2.43 -25.63
#